data_5BSK
#
_entry.id   5BSK
#
_cell.length_a   74.272
_cell.length_b   93.279
_cell.length_c   129.881
_cell.angle_alpha   90.00
_cell.angle_beta   90.00
_cell.angle_gamma   90.00
#
_symmetry.space_group_name_H-M   'P 21 21 21'
#
loop_
_entity.id
_entity.type
_entity.pdbx_description
1 polymer 'Hypoxanthine-guanine phosphoribosyltransferase'
2 non-polymer '(2-{[(2S)-1-(2-amino-6-oxo-1,6-dihydro-9H-purin-9-yl)-3-hydroxypropan-2-yl]oxy}ethyl)phosphonic acid'
3 non-polymer 'MAGNESIUM ION'
4 water water
#
_entity_poly.entity_id   1
_entity_poly.type   'polypeptide(L)'
_entity_poly.pdbx_seq_one_letter_code
;MATRSPGVVISDDEPGYDLDLFAIPNHYAEDLERVFIPHGLIMDRTERLARDVMKEMGGHHIVALCVLKGGYKFFADLLD
YIKALNRNSDRSIPMTVDFIRLKSYANDQSTGDIKVIGGDDLSTLTGKNVLIVEDIIDTGKTMQTLLSLVRQYNPKMVKV
ASLLVKRTPRSVGYKPDFVGFEIPDKFVVGYALDYNEYFRDLNHVAVISETGKAKYKA
;
_entity_poly.pdbx_strand_id   A,B,C,D
#
# COMPACT_ATOMS: atom_id res chain seq x y z
N SER A 5 21.88 -16.92 9.85
CA SER A 5 21.16 -17.13 8.59
C SER A 5 21.72 -16.25 7.48
N PRO A 6 21.89 -16.82 6.28
CA PRO A 6 22.40 -16.08 5.12
C PRO A 6 21.31 -15.27 4.43
N GLY A 7 20.10 -15.31 4.97
CA GLY A 7 18.98 -14.62 4.36
C GLY A 7 18.47 -15.38 3.15
N VAL A 8 17.61 -14.74 2.36
CA VAL A 8 17.10 -15.37 1.14
C VAL A 8 18.22 -15.50 0.12
N VAL A 9 18.61 -16.74 -0.17
CA VAL A 9 19.72 -17.00 -1.06
C VAL A 9 19.28 -17.17 -2.51
N ILE A 10 19.83 -16.33 -3.39
CA ILE A 10 19.60 -16.44 -4.82
CA ILE A 10 19.58 -16.51 -4.81
C ILE A 10 20.87 -16.95 -5.50
N SER A 11 20.89 -18.23 -5.88
CA SER A 11 22.07 -18.86 -6.44
C SER A 11 22.43 -18.34 -7.84
N ASP A 12 23.46 -18.95 -8.43
CA ASP A 12 23.91 -18.57 -9.75
C ASP A 12 23.17 -19.40 -10.81
N ASP A 13 22.38 -20.34 -10.34
CA ASP A 13 21.60 -21.20 -11.23
C ASP A 13 20.53 -20.42 -11.99
N GLY A 16 17.13 -14.74 -11.07
CA GLY A 16 16.06 -13.76 -11.22
C GLY A 16 14.97 -14.15 -12.18
N TYR A 17 14.39 -13.15 -12.84
CA TYR A 17 13.25 -13.37 -13.72
C TYR A 17 13.43 -12.69 -15.08
N ASP A 18 12.65 -13.10 -16.06
CA ASP A 18 12.63 -12.45 -17.36
C ASP A 18 11.90 -11.11 -17.26
N LEU A 19 12.37 -10.13 -18.01
CA LEU A 19 11.82 -8.78 -17.95
C LEU A 19 10.36 -8.71 -18.38
N ASP A 20 9.91 -9.70 -19.14
CA ASP A 20 8.57 -9.70 -19.70
C ASP A 20 7.52 -10.26 -18.73
N LEU A 21 7.97 -10.74 -17.58
CA LEU A 21 7.06 -11.33 -16.60
C LEU A 21 6.60 -10.32 -15.56
N PHE A 22 7.20 -9.13 -15.55
CA PHE A 22 6.86 -8.10 -14.58
C PHE A 22 6.69 -6.74 -15.22
N ALA A 23 6.28 -5.76 -14.41
CA ALA A 23 6.10 -4.40 -14.89
C ALA A 23 7.41 -3.63 -14.85
N ILE A 24 7.88 -3.19 -16.01
CA ILE A 24 9.14 -2.46 -16.13
C ILE A 24 8.91 -1.16 -16.88
N PRO A 25 9.47 -0.04 -16.37
CA PRO A 25 9.42 1.23 -17.08
C PRO A 25 10.00 1.11 -18.50
N ASN A 26 9.30 1.65 -19.48
CA ASN A 26 9.67 1.48 -20.88
C ASN A 26 11.07 2.03 -21.20
N HIS A 27 11.47 3.07 -20.47
CA HIS A 27 12.76 3.71 -20.70
C HIS A 27 13.93 2.91 -20.10
N TYR A 28 13.60 1.80 -19.45
CA TYR A 28 14.62 0.93 -18.86
C TYR A 28 14.61 -0.46 -19.50
N ALA A 29 13.80 -0.62 -20.55
CA ALA A 29 13.58 -1.93 -21.17
C ALA A 29 14.87 -2.55 -21.71
N GLU A 30 15.73 -1.72 -22.29
CA GLU A 30 16.98 -2.21 -22.87
C GLU A 30 18.17 -1.96 -21.95
N ASP A 31 17.89 -1.43 -20.76
CA ASP A 31 18.93 -1.09 -19.80
C ASP A 31 19.10 -2.17 -18.74
N LEU A 32 18.29 -3.22 -18.82
CA LEU A 32 18.33 -4.28 -17.84
C LEU A 32 18.49 -5.65 -18.49
N GLU A 33 19.16 -6.56 -17.78
CA GLU A 33 19.30 -7.94 -18.24
C GLU A 33 18.16 -8.79 -17.71
N ARG A 34 18.10 -8.94 -16.39
CA ARG A 34 17.04 -9.69 -15.73
C ARG A 34 16.60 -8.98 -14.45
N VAL A 35 15.46 -9.39 -13.91
CA VAL A 35 15.01 -8.89 -12.61
C VAL A 35 15.27 -9.94 -11.54
N PHE A 36 16.19 -9.63 -10.63
CA PHE A 36 16.52 -10.54 -9.54
C PHE A 36 15.46 -10.57 -8.45
N ILE A 37 15.14 -9.40 -7.91
CA ILE A 37 14.19 -9.30 -6.82
C ILE A 37 13.09 -8.27 -7.09
N PRO A 38 11.88 -8.76 -7.40
CA PRO A 38 10.70 -7.89 -7.56
C PRO A 38 10.46 -7.04 -6.30
N HIS A 39 9.84 -5.89 -6.48
CA HIS A 39 9.62 -4.93 -5.38
C HIS A 39 8.85 -5.54 -4.22
N GLY A 40 7.79 -6.28 -4.53
CA GLY A 40 6.98 -6.90 -3.51
C GLY A 40 7.72 -7.94 -2.68
N LEU A 41 8.61 -8.67 -3.34
CA LEU A 41 9.43 -9.67 -2.66
C LEU A 41 10.39 -9.01 -1.68
N ILE A 42 10.87 -7.82 -2.04
CA ILE A 42 11.71 -7.03 -1.15
C ILE A 42 10.95 -6.63 0.09
N MET A 43 9.72 -6.14 -0.10
CA MET A 43 8.88 -5.68 0.98
C MET A 43 8.57 -6.79 1.99
N ASP A 44 8.23 -7.97 1.48
CA ASP A 44 7.90 -9.11 2.33
C ASP A 44 9.10 -9.54 3.16
N ARG A 45 10.28 -9.56 2.54
CA ARG A 45 11.50 -9.92 3.24
C ARG A 45 11.90 -8.83 4.23
N THR A 46 11.70 -7.58 3.83
CA THR A 46 12.01 -6.44 4.70
C THR A 46 11.15 -6.45 5.95
N GLU A 47 9.89 -6.87 5.79
CA GLU A 47 8.98 -6.98 6.93
C GLU A 47 9.49 -7.99 7.95
N ARG A 48 10.00 -9.11 7.45
CA ARG A 48 10.55 -10.15 8.32
C ARG A 48 11.84 -9.66 8.96
N LEU A 49 12.62 -8.89 8.22
CA LEU A 49 13.85 -8.30 8.75
C LEU A 49 13.54 -7.40 9.93
N ALA A 50 12.48 -6.60 9.80
CA ALA A 50 12.06 -5.69 10.86
C ALA A 50 11.66 -6.47 12.11
N ARG A 51 11.04 -7.63 11.91
CA ARG A 51 10.64 -8.47 13.02
C ARG A 51 11.85 -9.08 13.72
N ASP A 52 12.84 -9.49 12.92
CA ASP A 52 14.06 -10.07 13.46
C ASP A 52 14.83 -9.05 14.30
N VAL A 53 14.88 -7.82 13.81
CA VAL A 53 15.56 -6.73 14.52
C VAL A 53 14.83 -6.40 15.82
N MET A 54 13.52 -6.24 15.73
CA MET A 54 12.71 -5.88 16.89
C MET A 54 12.62 -7.02 17.91
N LYS A 55 12.93 -8.23 17.48
CA LYS A 55 12.89 -9.39 18.35
C LYS A 55 14.01 -9.33 19.39
N GLU A 56 15.19 -8.91 18.96
CA GLU A 56 16.35 -8.86 19.86
C GLU A 56 16.74 -7.42 20.22
N MET A 57 16.82 -6.55 19.21
CA MET A 57 17.23 -5.16 19.44
C MET A 57 16.07 -4.30 19.91
N GLY A 58 14.87 -4.60 19.43
CA GLY A 58 13.70 -3.76 19.68
C GLY A 58 13.18 -3.78 21.10
N GLY A 59 14.04 -4.14 22.06
CA GLY A 59 13.67 -4.14 23.46
C GLY A 59 13.31 -2.76 23.95
N HIS A 60 14.23 -1.81 23.76
CA HIS A 60 13.99 -0.43 24.19
C HIS A 60 14.39 0.57 23.12
N HIS A 61 14.94 1.71 23.55
CA HIS A 61 15.34 2.78 22.64
C HIS A 61 16.34 2.30 21.59
N ILE A 62 16.09 2.68 20.34
CA ILE A 62 16.93 2.27 19.22
C ILE A 62 17.43 3.46 18.43
N VAL A 63 18.74 3.50 18.17
CA VAL A 63 19.29 4.50 17.28
C VAL A 63 19.54 3.90 15.90
N ALA A 64 18.61 4.15 14.98
CA ALA A 64 18.71 3.62 13.63
C ALA A 64 19.52 4.57 12.73
N LEU A 65 20.68 4.11 12.29
CA LEU A 65 21.55 4.91 11.45
C LEU A 65 21.47 4.49 9.99
N CYS A 66 21.17 5.44 9.12
CA CYS A 66 21.15 5.19 7.68
C CYS A 66 22.47 5.63 7.06
N VAL A 67 23.11 4.72 6.33
CA VAL A 67 24.38 5.03 5.68
C VAL A 67 24.14 5.78 4.38
N LEU A 68 24.87 6.89 4.21
CA LEU A 68 24.74 7.71 3.01
C LEU A 68 26.02 7.66 2.17
N LYS A 69 25.88 7.71 0.85
CA LYS A 69 24.58 7.84 0.19
C LYS A 69 24.24 6.62 -0.65
N GLY A 70 22.94 6.41 -0.88
CA GLY A 70 22.48 5.27 -1.63
C GLY A 70 21.80 4.26 -0.74
N GLY A 71 20.51 4.03 -0.99
CA GLY A 71 19.76 3.05 -0.22
C GLY A 71 18.94 3.66 0.91
N TYR A 72 18.36 4.82 0.64
CA TYR A 72 17.49 5.46 1.63
C TYR A 72 16.10 4.82 1.61
N LYS A 73 15.72 4.31 0.44
CA LYS A 73 14.41 3.67 0.29
C LYS A 73 14.28 2.43 1.17
N PHE A 74 15.37 1.69 1.33
CA PHE A 74 15.36 0.51 2.17
C PHE A 74 15.31 0.90 3.65
N PHE A 75 15.95 2.01 3.99
CA PHE A 75 15.92 2.50 5.35
C PHE A 75 14.53 3.00 5.72
N ALA A 76 13.85 3.60 4.74
CA ALA A 76 12.51 4.13 4.94
C ALA A 76 11.48 3.01 5.09
N ASP A 77 11.58 1.99 4.24
CA ASP A 77 10.66 0.87 4.28
C ASP A 77 10.85 0.03 5.53
N LEU A 78 12.12 -0.22 5.89
CA LEU A 78 12.43 -0.98 7.08
C LEU A 78 11.89 -0.29 8.33
N LEU A 79 12.01 1.04 8.36
CA LEU A 79 11.52 1.83 9.48
C LEU A 79 10.00 1.78 9.57
N ASP A 80 9.33 1.78 8.43
CA ASP A 80 7.87 1.72 8.39
C ASP A 80 7.35 0.42 9.01
N TYR A 81 7.99 -0.70 8.67
CA TYR A 81 7.62 -1.98 9.23
C TYR A 81 7.92 -2.03 10.72
N ILE A 82 9.04 -1.41 11.11
CA ILE A 82 9.41 -1.31 12.52
C ILE A 82 8.38 -0.48 13.27
N LYS A 83 7.98 0.64 12.66
CA LYS A 83 6.94 1.51 13.24
C LYS A 83 5.61 0.77 13.38
N ALA A 84 5.32 -0.09 12.40
CA ALA A 84 4.08 -0.85 12.40
C ALA A 84 4.06 -1.85 13.55
N LEU A 85 5.23 -2.35 13.91
CA LEU A 85 5.35 -3.29 15.02
C LEU A 85 5.17 -2.56 16.35
N ASN A 86 5.75 -1.37 16.45
CA ASN A 86 5.59 -0.54 17.64
C ASN A 86 4.15 -0.10 17.83
N ARG A 87 3.43 -0.01 16.72
CA ARG A 87 2.03 0.42 16.74
C ARG A 87 1.14 -0.59 17.46
N ASN A 88 1.62 -1.82 17.61
CA ASN A 88 0.85 -2.88 18.25
C ASN A 88 1.62 -3.54 19.39
N SER A 89 2.46 -2.77 20.07
CA SER A 89 3.31 -3.32 21.12
C SER A 89 2.79 -3.00 22.52
N ASP A 90 1.67 -2.29 22.60
CA ASP A 90 1.09 -1.87 23.87
C ASP A 90 2.08 -1.07 24.72
N ARG A 91 3.03 -0.41 24.05
CA ARG A 91 4.11 0.26 24.74
C ARG A 91 4.70 1.38 23.89
N SER A 92 4.86 2.56 24.50
CA SER A 92 5.44 3.70 23.81
C SER A 92 6.96 3.58 23.76
N ILE A 93 7.49 3.21 22.60
CA ILE A 93 8.92 3.01 22.43
C ILE A 93 9.56 4.12 21.61
N PRO A 94 10.46 4.90 22.23
CA PRO A 94 11.18 5.97 21.54
C PRO A 94 12.25 5.41 20.61
N MET A 95 12.64 6.18 19.60
CA MET A 95 13.63 5.72 18.63
C MET A 95 14.34 6.89 17.95
N THR A 96 15.67 6.81 17.90
CA THR A 96 16.47 7.83 17.23
C THR A 96 16.74 7.45 15.78
N VAL A 97 16.48 8.39 14.87
CA VAL A 97 16.72 8.18 13.45
C VAL A 97 17.67 9.23 12.90
N ASP A 98 18.84 8.79 12.44
CA ASP A 98 19.85 9.72 11.95
C ASP A 98 20.52 9.19 10.67
N PHE A 99 21.42 10.00 10.12
CA PHE A 99 22.09 9.65 8.87
C PHE A 99 23.59 9.85 8.96
N ILE A 100 24.34 8.75 8.90
CA ILE A 100 25.80 8.82 8.89
C ILE A 100 26.33 9.01 7.47
N ARG A 101 27.55 9.51 7.36
CA ARG A 101 28.15 9.75 6.05
C ARG A 101 29.35 8.82 5.82
N LEU A 122 27.10 12.73 16.90
CA LEU A 122 28.30 11.89 16.96
C LEU A 122 28.38 11.17 18.31
N SER A 123 28.52 11.93 19.39
CA SER A 123 28.73 11.29 20.69
C SER A 123 27.39 10.74 21.20
N THR A 124 26.35 10.86 20.36
CA THR A 124 24.99 10.46 20.71
C THR A 124 24.87 8.94 20.84
N LEU A 125 25.80 8.20 20.22
CA LEU A 125 25.74 6.74 20.16
C LEU A 125 26.24 6.08 21.45
N THR A 126 26.88 6.86 22.31
CA THR A 126 27.49 6.34 23.53
C THR A 126 26.45 5.72 24.47
N GLY A 127 26.54 4.40 24.64
CA GLY A 127 25.63 3.67 25.52
C GLY A 127 24.27 3.46 24.90
N LYS A 128 24.24 3.24 23.58
CA LYS A 128 22.99 3.09 22.86
C LYS A 128 22.93 1.78 22.09
N ASN A 129 21.72 1.32 21.79
CA ASN A 129 21.52 0.17 20.91
C ASN A 129 21.42 0.63 19.47
N VAL A 130 22.57 0.64 18.78
CA VAL A 130 22.65 1.18 17.44
C VAL A 130 22.35 0.15 16.36
N LEU A 131 21.48 0.51 15.42
CA LEU A 131 21.19 -0.33 14.27
C LEU A 131 21.66 0.35 12.98
N ILE A 132 22.73 -0.17 12.40
CA ILE A 132 23.23 0.35 11.13
C ILE A 132 22.50 -0.31 9.97
N VAL A 133 21.90 0.52 9.12
CA VAL A 133 21.13 0.03 7.98
C VAL A 133 21.81 0.36 6.66
N GLU A 134 22.11 -0.68 5.88
CA GLU A 134 22.76 -0.52 4.59
C GLU A 134 21.94 -1.20 3.50
N ASP A 135 22.00 -0.68 2.28
CA ASP A 135 21.27 -1.26 1.17
C ASP A 135 21.98 -2.47 0.60
N ILE A 136 23.27 -2.32 0.30
CA ILE A 136 24.04 -3.42 -0.27
C ILE A 136 25.47 -3.45 0.28
N ILE A 137 25.97 -4.65 0.52
CA ILE A 137 27.35 -4.85 0.91
C ILE A 137 28.06 -5.72 -0.12
N ASP A 138 29.02 -5.13 -0.83
CA ASP A 138 29.77 -5.85 -1.85
C ASP A 138 31.03 -6.47 -1.26
N THR A 139 32.10 -5.68 -1.21
CA THR A 139 33.36 -6.15 -0.65
C THR A 139 33.27 -6.22 0.88
N GLY A 140 32.69 -5.20 1.48
CA GLY A 140 32.54 -5.14 2.93
C GLY A 140 33.45 -4.09 3.55
N LYS A 141 34.20 -3.40 2.70
CA LYS A 141 35.15 -2.39 3.16
C LYS A 141 34.44 -1.21 3.81
N THR A 142 33.31 -0.81 3.24
CA THR A 142 32.54 0.32 3.75
C THR A 142 32.05 0.05 5.17
N MET A 143 31.44 -1.11 5.37
CA MET A 143 30.89 -1.46 6.68
C MET A 143 31.98 -1.74 7.70
N GLN A 144 33.12 -2.26 7.25
CA GLN A 144 34.24 -2.55 8.14
C GLN A 144 34.86 -1.26 8.65
N THR A 145 34.99 -0.28 7.76
CA THR A 145 35.49 1.04 8.15
C THR A 145 34.49 1.73 9.07
N LEU A 146 33.21 1.63 8.72
CA LEU A 146 32.14 2.26 9.49
C LEU A 146 32.02 1.68 10.89
N LEU A 147 32.16 0.36 11.01
CA LEU A 147 32.04 -0.30 12.30
C LEU A 147 33.23 -0.01 13.20
N SER A 148 34.41 0.14 12.61
CA SER A 148 35.62 0.41 13.37
C SER A 148 35.68 1.85 13.85
N LEU A 149 34.72 2.66 13.40
CA LEU A 149 34.66 4.07 13.77
C LEU A 149 33.55 4.33 14.78
N VAL A 150 32.42 3.66 14.61
CA VAL A 150 31.31 3.76 15.56
C VAL A 150 31.71 3.11 16.88
N ARG A 151 32.54 2.07 16.79
CA ARG A 151 33.01 1.37 17.98
C ARG A 151 34.06 2.17 18.74
N GLN A 152 34.58 3.22 18.11
CA GLN A 152 35.53 4.11 18.77
C GLN A 152 34.82 4.89 19.87
N TYR A 153 33.51 5.05 19.73
CA TYR A 153 32.69 5.60 20.80
C TYR A 153 32.33 4.47 21.75
N ASN A 154 31.33 4.67 22.59
CA ASN A 154 30.95 3.63 23.56
C ASN A 154 29.48 3.23 23.47
N PRO A 155 29.10 2.56 22.37
CA PRO A 155 27.71 2.12 22.21
C PRO A 155 27.45 0.82 22.99
N LYS A 156 26.19 0.61 23.38
CA LYS A 156 25.82 -0.60 24.10
C LYS A 156 26.01 -1.82 23.19
N MET A 157 25.65 -1.66 21.93
CA MET A 157 25.87 -2.67 20.90
C MET A 157 25.66 -2.08 19.51
N VAL A 158 26.43 -2.58 18.55
CA VAL A 158 26.25 -2.16 17.15
C VAL A 158 25.95 -3.37 16.27
N LYS A 159 24.74 -3.39 15.71
CA LYS A 159 24.36 -4.46 14.79
C LYS A 159 24.00 -3.88 13.43
N VAL A 160 24.36 -4.60 12.38
CA VAL A 160 24.18 -4.13 11.01
C VAL A 160 23.14 -4.94 10.25
N ALA A 161 22.18 -4.24 9.64
CA ALA A 161 21.18 -4.89 8.81
C ALA A 161 21.33 -4.44 7.36
N SER A 162 21.57 -5.40 6.47
CA SER A 162 21.76 -5.09 5.05
C SER A 162 20.74 -5.84 4.19
N LEU A 163 20.16 -5.12 3.22
CA LEU A 163 19.19 -5.72 2.31
C LEU A 163 19.86 -6.73 1.37
N LEU A 164 20.96 -6.32 0.75
CA LEU A 164 21.64 -7.16 -0.21
C LEU A 164 23.08 -7.47 0.22
N VAL A 165 23.51 -8.71 -0.03
CA VAL A 165 24.88 -9.12 0.20
C VAL A 165 25.38 -9.95 -0.98
N LYS A 166 26.43 -9.47 -1.64
CA LYS A 166 26.98 -10.16 -2.80
C LYS A 166 27.84 -11.36 -2.43
N ARG A 167 27.65 -12.46 -3.15
CA ARG A 167 28.61 -13.55 -3.12
C ARG A 167 29.75 -13.22 -4.08
N THR A 168 30.72 -12.48 -3.58
CA THR A 168 31.82 -12.02 -4.42
C THR A 168 33.16 -12.49 -3.88
N PRO A 169 34.10 -12.80 -4.79
CA PRO A 169 35.47 -13.15 -4.38
C PRO A 169 36.22 -11.93 -3.86
N ARG A 170 35.64 -10.74 -4.02
CA ARG A 170 36.25 -9.51 -3.54
C ARG A 170 35.92 -9.24 -2.08
N SER A 171 35.15 -10.14 -1.48
CA SER A 171 34.73 -9.98 -0.09
C SER A 171 35.92 -10.03 0.87
N VAL A 172 35.95 -9.10 1.82
CA VAL A 172 37.00 -9.06 2.82
C VAL A 172 36.70 -10.03 3.96
N GLY A 173 35.44 -10.47 4.03
CA GLY A 173 35.05 -11.48 5.00
C GLY A 173 33.91 -11.10 5.93
N TYR A 174 33.51 -9.83 5.90
CA TYR A 174 32.47 -9.36 6.81
C TYR A 174 31.09 -9.92 6.46
N LYS A 175 30.32 -10.24 7.48
CA LYS A 175 28.96 -10.72 7.32
C LYS A 175 28.02 -10.00 8.29
N PRO A 176 27.00 -9.33 7.74
CA PRO A 176 26.04 -8.55 8.53
C PRO A 176 25.25 -9.41 9.52
N ASP A 177 24.73 -8.79 10.57
CA ASP A 177 23.92 -9.48 11.56
C ASP A 177 22.55 -9.83 10.97
N PHE A 178 22.08 -8.97 10.06
CA PHE A 178 20.79 -9.19 9.40
C PHE A 178 20.93 -9.01 7.89
N VAL A 179 20.58 -10.06 7.15
CA VAL A 179 20.69 -10.04 5.70
C VAL A 179 19.36 -10.34 5.02
N GLY A 180 18.95 -9.47 4.10
CA GLY A 180 17.71 -9.68 3.36
C GLY A 180 17.89 -10.68 2.23
N PHE A 181 18.82 -10.40 1.33
CA PHE A 181 19.07 -11.26 0.19
C PHE A 181 20.56 -11.47 -0.06
N GLU A 182 20.93 -12.68 -0.46
CA GLU A 182 22.30 -12.97 -0.87
C GLU A 182 22.35 -13.17 -2.38
N ILE A 183 22.78 -12.15 -3.10
CA ILE A 183 22.70 -12.14 -4.56
C ILE A 183 24.03 -12.50 -5.23
N PRO A 184 23.97 -12.99 -6.48
CA PRO A 184 25.18 -13.28 -7.25
C PRO A 184 26.05 -12.05 -7.47
N ASP A 185 27.29 -12.26 -7.91
CA ASP A 185 28.23 -11.17 -8.13
C ASP A 185 27.93 -10.45 -9.44
N LYS A 186 26.82 -9.72 -9.48
CA LYS A 186 26.46 -8.93 -10.66
C LYS A 186 26.02 -7.53 -10.23
N PHE A 187 26.32 -6.54 -11.06
CA PHE A 187 25.94 -5.16 -10.75
C PHE A 187 24.43 -4.99 -10.89
N VAL A 188 23.77 -4.69 -9.77
CA VAL A 188 22.31 -4.55 -9.76
C VAL A 188 21.87 -3.10 -9.54
N VAL A 189 20.68 -2.78 -10.05
CA VAL A 189 20.09 -1.47 -9.85
C VAL A 189 18.61 -1.60 -9.50
N GLY A 190 18.02 -0.53 -8.98
CA GLY A 190 16.60 -0.53 -8.66
C GLY A 190 16.30 -0.48 -7.18
N TYR A 191 15.03 -0.21 -6.86
CA TYR A 191 14.55 -0.10 -5.49
C TYR A 191 15.30 0.97 -4.71
N ALA A 192 16.47 0.63 -4.19
CA ALA A 192 17.25 1.56 -3.37
C ALA A 192 18.59 1.88 -4.01
N LEU A 193 18.95 1.14 -5.05
CA LEU A 193 20.23 1.32 -5.71
C LEU A 193 20.09 2.08 -7.03
N ASP A 194 20.88 3.13 -7.18
CA ASP A 194 20.86 3.94 -8.40
C ASP A 194 22.16 3.82 -9.16
N TYR A 195 22.13 4.20 -10.44
CA TYR A 195 23.34 4.24 -11.26
C TYR A 195 23.47 5.64 -11.86
N ASN A 196 24.36 6.44 -11.29
CA ASN A 196 24.48 7.85 -11.62
C ASN A 196 23.12 8.56 -11.51
N GLU A 197 22.42 8.24 -10.43
CA GLU A 197 21.12 8.82 -10.10
C GLU A 197 20.03 8.46 -11.12
N TYR A 198 20.19 7.31 -11.77
CA TYR A 198 19.13 6.75 -12.60
C TYR A 198 18.56 5.51 -11.91
N PHE A 199 17.53 4.92 -12.50
CA PHE A 199 16.86 3.73 -11.97
C PHE A 199 16.21 3.96 -10.60
N ARG A 200 16.04 5.21 -10.21
CA ARG A 200 15.37 5.51 -8.94
C ARG A 200 13.89 5.15 -9.01
N ASP A 201 13.31 5.30 -10.20
CA ASP A 201 11.91 4.96 -10.40
C ASP A 201 11.73 3.46 -10.63
N LEU A 202 12.84 2.75 -10.76
CA LEU A 202 12.81 1.31 -10.89
C LEU A 202 12.68 0.67 -9.51
N ASN A 203 11.52 0.06 -9.25
CA ASN A 203 11.24 -0.50 -7.93
C ASN A 203 11.77 -1.92 -7.74
N HIS A 204 12.07 -2.59 -8.85
CA HIS A 204 12.62 -3.94 -8.80
C HIS A 204 14.14 -3.91 -8.80
N VAL A 205 14.75 -4.88 -8.11
CA VAL A 205 16.20 -5.05 -8.19
C VAL A 205 16.54 -5.83 -9.46
N ALA A 206 17.28 -5.19 -10.36
CA ALA A 206 17.56 -5.79 -11.66
C ALA A 206 19.02 -5.63 -12.06
N VAL A 207 19.53 -6.60 -12.81
CA VAL A 207 20.88 -6.52 -13.35
C VAL A 207 20.96 -5.54 -14.49
N ILE A 208 21.87 -4.57 -14.38
CA ILE A 208 22.04 -3.57 -15.42
C ILE A 208 22.72 -4.21 -16.64
N SER A 209 22.36 -3.73 -17.83
CA SER A 209 22.96 -4.23 -19.05
C SER A 209 24.06 -3.27 -19.52
N GLU A 210 24.88 -3.72 -20.47
CA GLU A 210 25.95 -2.89 -20.99
C GLU A 210 25.39 -1.69 -21.75
N THR A 211 24.17 -1.84 -22.26
CA THR A 211 23.47 -0.73 -22.91
C THR A 211 23.13 0.35 -21.89
N GLY A 212 22.54 -0.07 -20.77
CA GLY A 212 22.19 0.85 -19.71
C GLY A 212 23.39 1.39 -18.97
N LYS A 213 24.41 0.55 -18.81
CA LYS A 213 25.65 0.94 -18.17
C LYS A 213 26.34 2.05 -18.94
N ALA A 214 26.21 2.01 -20.26
CA ALA A 214 26.83 2.99 -21.13
C ALA A 214 25.95 4.23 -21.33
N LYS A 215 24.65 4.01 -21.35
CA LYS A 215 23.70 5.09 -21.58
C LYS A 215 23.68 6.07 -20.40
N TYR A 216 23.91 5.55 -19.20
CA TYR A 216 23.80 6.34 -17.99
C TYR A 216 25.16 6.59 -17.34
N LYS A 217 26.21 6.58 -18.15
CA LYS A 217 27.55 6.85 -17.66
C LYS A 217 27.70 8.32 -17.27
N ALA A 218 28.49 8.58 -16.23
CA ALA A 218 28.68 9.95 -15.75
C ALA A 218 29.56 10.74 -16.72
N PRO B 6 -22.57 8.25 14.74
CA PRO B 6 -22.88 7.85 13.36
C PRO B 6 -21.66 7.88 12.44
N GLY B 7 -20.51 7.47 12.96
CA GLY B 7 -19.28 7.47 12.19
C GLY B 7 -18.81 8.88 11.89
N VAL B 8 -17.92 9.00 10.90
CA VAL B 8 -17.42 10.31 10.49
C VAL B 8 -18.53 11.11 9.83
N VAL B 9 -18.87 12.24 10.43
CA VAL B 9 -19.97 13.06 9.93
C VAL B 9 -19.49 14.18 9.00
N ILE B 10 -19.92 14.10 7.75
CA ILE B 10 -19.67 15.17 6.79
C ILE B 10 -20.92 16.03 6.68
N SER B 11 -20.92 17.17 7.36
CA SER B 11 -22.09 18.04 7.41
C SER B 11 -22.40 18.68 6.06
N ASP B 12 -23.54 19.36 5.99
CA ASP B 12 -23.93 20.05 4.77
C ASP B 12 -23.18 21.36 4.62
N ASP B 13 -22.44 21.73 5.66
CA ASP B 13 -21.75 23.02 5.71
C ASP B 13 -20.47 22.99 4.88
N GLY B 16 -16.84 18.38 1.88
CA GLY B 16 -15.86 17.71 1.04
C GLY B 16 -14.71 18.63 0.65
N TYR B 17 -14.01 18.27 -0.43
CA TYR B 17 -12.81 18.98 -0.83
C TYR B 17 -12.86 19.47 -2.27
N ASP B 18 -12.05 20.48 -2.57
CA ASP B 18 -11.89 20.98 -3.94
C ASP B 18 -11.20 19.92 -4.79
N LEU B 19 -11.61 19.81 -6.05
CA LEU B 19 -11.09 18.78 -6.96
C LEU B 19 -9.60 18.95 -7.21
N ASP B 20 -9.11 20.19 -7.14
CA ASP B 20 -7.72 20.50 -7.48
C ASP B 20 -6.75 20.20 -6.35
N LEU B 21 -7.27 19.72 -5.23
CA LEU B 21 -6.43 19.42 -4.08
C LEU B 21 -6.06 17.94 -4.02
N PHE B 22 -6.65 17.13 -4.89
CA PHE B 22 -6.35 15.70 -4.90
C PHE B 22 -6.14 15.10 -6.29
N ALA B 23 -5.64 13.88 -6.31
CA ALA B 23 -5.34 13.13 -7.52
C ALA B 23 -6.60 12.62 -8.20
N ILE B 24 -7.02 13.32 -9.26
CA ILE B 24 -8.26 12.96 -9.95
C ILE B 24 -8.02 12.71 -11.44
N PRO B 25 -8.56 11.59 -11.95
CA PRO B 25 -8.51 11.26 -13.38
C PRO B 25 -8.96 12.43 -14.26
N ASN B 26 -8.11 12.82 -15.18
CA ASN B 26 -8.34 14.00 -16.02
C ASN B 26 -9.63 13.90 -16.82
N HIS B 27 -10.00 12.68 -17.20
CA HIS B 27 -11.21 12.45 -17.97
C HIS B 27 -12.46 12.59 -17.11
N TYR B 28 -12.28 12.69 -15.81
CA TYR B 28 -13.39 12.87 -14.87
C TYR B 28 -13.41 14.29 -14.28
N ALA B 29 -12.68 15.20 -14.91
CA ALA B 29 -12.56 16.56 -14.40
C ALA B 29 -13.88 17.32 -14.43
N GLU B 30 -14.57 17.25 -15.56
CA GLU B 30 -15.83 17.98 -15.75
C GLU B 30 -17.01 17.24 -15.15
N ASP B 31 -16.80 15.98 -14.76
CA ASP B 31 -17.88 15.09 -14.35
C ASP B 31 -18.11 15.09 -12.85
N LEU B 32 -17.34 15.88 -12.11
CA LEU B 32 -17.46 15.91 -10.67
C LEU B 32 -17.62 17.34 -10.14
N GLU B 33 -18.24 17.48 -8.97
CA GLU B 33 -18.38 18.78 -8.33
C GLU B 33 -17.37 18.93 -7.21
N ARG B 34 -17.44 18.01 -6.24
CA ARG B 34 -16.54 18.02 -5.09
C ARG B 34 -16.11 16.61 -4.73
N VAL B 35 -15.03 16.50 -3.97
CA VAL B 35 -14.61 15.21 -3.43
C VAL B 35 -14.93 15.13 -1.94
N PHE B 36 -15.85 14.24 -1.59
CA PHE B 36 -16.26 14.09 -0.20
C PHE B 36 -15.23 13.32 0.61
N ILE B 37 -14.87 12.13 0.15
CA ILE B 37 -13.97 11.27 0.89
C ILE B 37 -12.84 10.72 0.02
N PRO B 38 -11.61 11.24 0.21
CA PRO B 38 -10.43 10.70 -0.46
C PRO B 38 -10.21 9.23 -0.12
N HIS B 39 -9.63 8.48 -1.06
CA HIS B 39 -9.45 7.03 -0.91
C HIS B 39 -8.74 6.64 0.38
N GLY B 40 -7.73 7.42 0.74
CA GLY B 40 -6.97 7.16 1.95
C GLY B 40 -7.80 7.30 3.21
N LEU B 41 -8.67 8.30 3.22
CA LEU B 41 -9.56 8.53 4.36
C LEU B 41 -10.56 7.39 4.50
N ILE B 42 -10.96 6.82 3.38
CA ILE B 42 -11.83 5.64 3.37
C ILE B 42 -11.12 4.47 4.04
N MET B 43 -9.87 4.26 3.68
CA MET B 43 -9.08 3.16 4.20
C MET B 43 -8.86 3.25 5.71
N ASP B 44 -8.53 4.43 6.19
CA ASP B 44 -8.28 4.65 7.62
C ASP B 44 -9.53 4.39 8.44
N ARG B 45 -10.67 4.84 7.94
CA ARG B 45 -11.95 4.64 8.61
C ARG B 45 -12.38 3.19 8.54
N THR B 46 -12.10 2.54 7.41
CA THR B 46 -12.45 1.15 7.21
C THR B 46 -11.68 0.25 8.17
N GLU B 47 -10.44 0.64 8.46
CA GLU B 47 -9.59 -0.12 9.37
C GLU B 47 -10.17 -0.13 10.78
N ARG B 48 -10.69 1.01 11.20
CA ARG B 48 -11.32 1.13 12.51
C ARG B 48 -12.65 0.37 12.54
N LEU B 49 -13.36 0.40 11.42
CA LEU B 49 -14.61 -0.34 11.29
C LEU B 49 -14.41 -1.83 11.50
N ALA B 50 -13.34 -2.36 10.91
CA ALA B 50 -13.03 -3.78 11.03
C ALA B 50 -12.78 -4.18 12.47
N ARG B 51 -12.23 -3.25 13.25
CA ARG B 51 -11.96 -3.51 14.66
C ARG B 51 -13.25 -3.44 15.47
N ASP B 52 -14.15 -2.54 15.07
CA ASP B 52 -15.46 -2.43 15.71
C ASP B 52 -16.27 -3.69 15.46
N VAL B 53 -16.09 -4.29 14.29
CA VAL B 53 -16.78 -5.52 13.95
C VAL B 53 -16.25 -6.69 14.78
N MET B 54 -14.92 -6.78 14.91
CA MET B 54 -14.30 -7.85 15.67
C MET B 54 -14.62 -7.75 17.16
N LYS B 55 -14.84 -6.54 17.63
CA LYS B 55 -15.15 -6.31 19.03
C LYS B 55 -16.61 -6.62 19.34
N GLU B 56 -17.41 -6.77 18.30
CA GLU B 56 -18.85 -6.94 18.47
C GLU B 56 -19.37 -8.20 17.79
N MET B 57 -18.58 -8.77 16.87
CA MET B 57 -18.99 -9.97 16.16
C MET B 57 -17.93 -11.05 16.14
N GLY B 58 -16.77 -10.77 16.73
CA GLY B 58 -15.68 -11.73 16.76
C GLY B 58 -15.85 -12.82 17.79
N GLY B 59 -17.09 -13.05 18.23
CA GLY B 59 -17.39 -14.04 19.22
C GLY B 59 -17.84 -15.38 18.65
N HIS B 60 -18.57 -15.32 17.54
CA HIS B 60 -19.01 -16.52 16.84
C HIS B 60 -18.62 -16.45 15.38
N HIS B 61 -18.48 -17.61 14.74
CA HIS B 61 -18.05 -17.71 13.34
C HIS B 61 -18.80 -16.73 12.45
N ILE B 62 -18.04 -15.95 11.68
CA ILE B 62 -18.61 -14.85 10.92
C ILE B 62 -18.87 -15.20 9.45
N VAL B 63 -20.11 -15.01 9.04
CA VAL B 63 -20.49 -15.16 7.64
C VAL B 63 -20.62 -13.78 7.00
N ALA B 64 -19.56 -13.33 6.34
CA ALA B 64 -19.56 -12.03 5.70
C ALA B 64 -20.32 -12.07 4.39
N LEU B 65 -21.45 -11.36 4.34
CA LEU B 65 -22.27 -11.31 3.14
C LEU B 65 -22.11 -10.00 2.40
N CYS B 66 -21.61 -10.07 1.18
CA CYS B 66 -21.49 -8.88 0.33
C CYS B 66 -22.77 -8.68 -0.47
N VAL B 67 -23.27 -7.45 -0.49
CA VAL B 67 -24.50 -7.13 -1.21
C VAL B 67 -24.20 -6.61 -2.61
N LEU B 68 -24.83 -7.24 -3.60
CA LEU B 68 -24.68 -6.84 -4.99
C LEU B 68 -25.98 -6.18 -5.47
N LYS B 69 -25.91 -5.25 -6.42
CA LYS B 69 -24.66 -4.87 -7.09
C LYS B 69 -23.93 -3.75 -6.36
N GLY B 70 -22.64 -3.61 -6.66
CA GLY B 70 -21.84 -2.54 -6.10
C GLY B 70 -21.47 -2.76 -4.64
N GLY B 71 -20.31 -2.26 -4.25
CA GLY B 71 -19.87 -2.36 -2.86
C GLY B 71 -18.91 -3.51 -2.61
N TYR B 72 -18.44 -4.12 -3.69
CA TYR B 72 -17.50 -5.23 -3.58
C TYR B 72 -16.12 -4.74 -3.13
N LYS B 73 -15.75 -3.54 -3.59
CA LYS B 73 -14.47 -2.95 -3.23
C LYS B 73 -14.39 -2.70 -1.72
N PHE B 74 -15.47 -2.18 -1.16
CA PHE B 74 -15.55 -1.94 0.28
C PHE B 74 -15.56 -3.26 1.03
N PHE B 75 -16.19 -4.27 0.43
CA PHE B 75 -16.24 -5.60 1.01
C PHE B 75 -14.85 -6.23 1.06
N ALA B 76 -14.09 -6.05 -0.02
CA ALA B 76 -12.75 -6.62 -0.11
C ALA B 76 -11.79 -5.93 0.85
N ASP B 77 -11.89 -4.61 0.95
CA ASP B 77 -11.03 -3.84 1.83
C ASP B 77 -11.36 -4.06 3.30
N LEU B 78 -12.64 -4.14 3.61
CA LEU B 78 -13.09 -4.39 4.99
C LEU B 78 -12.58 -5.75 5.46
N LEU B 79 -12.64 -6.74 4.59
CA LEU B 79 -12.20 -8.09 4.91
C LEU B 79 -10.69 -8.15 5.11
N ASP B 80 -9.96 -7.34 4.34
CA ASP B 80 -8.50 -7.30 4.45
C ASP B 80 -8.06 -6.82 5.82
N TYR B 81 -8.72 -5.79 6.34
CA TYR B 81 -8.41 -5.28 7.66
C TYR B 81 -8.87 -6.26 8.73
N ILE B 82 -9.95 -6.98 8.45
CA ILE B 82 -10.44 -8.02 9.35
C ILE B 82 -9.44 -9.18 9.40
N LYS B 83 -8.99 -9.61 8.22
CA LYS B 83 -8.00 -10.67 8.12
C LYS B 83 -6.67 -10.26 8.74
N ALA B 84 -6.39 -8.96 8.71
CA ALA B 84 -5.18 -8.42 9.32
C ALA B 84 -5.22 -8.57 10.84
N LEU B 85 -6.42 -8.40 11.41
CA LEU B 85 -6.61 -8.57 12.85
C LEU B 85 -6.50 -10.04 13.26
N ASN B 86 -6.92 -10.93 12.35
CA ASN B 86 -6.85 -12.36 12.61
C ASN B 86 -5.42 -12.88 12.61
N ARG B 87 -4.57 -12.25 11.81
CA ARG B 87 -3.17 -12.65 11.72
C ARG B 87 -2.45 -12.49 13.07
N ASN B 88 -2.78 -11.41 13.77
CA ASN B 88 -2.12 -11.11 15.04
C ASN B 88 -2.91 -11.58 16.25
N SER B 89 -3.88 -12.46 16.01
CA SER B 89 -4.71 -12.98 17.09
C SER B 89 -4.11 -14.24 17.70
N ASP B 90 -3.08 -14.77 17.04
CA ASP B 90 -2.40 -15.99 17.45
C ASP B 90 -3.36 -17.19 17.53
N ARG B 91 -4.46 -17.11 16.78
CA ARG B 91 -5.44 -18.18 16.74
C ARG B 91 -5.98 -18.36 15.33
N SER B 92 -6.15 -19.61 14.92
CA SER B 92 -6.69 -19.92 13.59
C SER B 92 -8.17 -19.59 13.53
N ILE B 93 -8.52 -18.49 12.86
CA ILE B 93 -9.90 -18.04 12.79
C ILE B 93 -10.50 -18.25 11.41
N PRO B 94 -11.48 -19.16 11.31
CA PRO B 94 -12.19 -19.43 10.06
C PRO B 94 -13.28 -18.40 9.78
N MET B 95 -13.42 -18.01 8.52
CA MET B 95 -14.42 -17.01 8.15
C MET B 95 -15.12 -17.36 6.84
N THR B 96 -16.44 -17.24 6.83
CA THR B 96 -17.23 -17.54 5.65
C THR B 96 -17.51 -16.27 4.84
N VAL B 97 -17.30 -16.35 3.53
CA VAL B 97 -17.60 -15.24 2.64
C VAL B 97 -18.58 -15.68 1.55
N ASP B 98 -19.54 -14.82 1.24
CA ASP B 98 -20.55 -15.14 0.24
C ASP B 98 -21.20 -13.87 -0.30
N PHE B 99 -22.01 -14.02 -1.35
CA PHE B 99 -22.63 -12.88 -2.01
C PHE B 99 -24.15 -13.05 -2.12
N ILE B 100 -24.86 -11.93 -2.16
CA ILE B 100 -26.32 -11.95 -2.29
C ILE B 100 -26.80 -10.86 -3.24
N ARG B 101 -28.02 -11.02 -3.75
CA ARG B 101 -28.58 -10.07 -4.69
C ARG B 101 -30.00 -9.66 -4.30
N LEU B 102 -30.84 -9.41 -5.30
CA LEU B 102 -32.23 -9.00 -5.07
C LEU B 102 -33.15 -10.21 -5.05
N LYS B 103 -33.05 -11.01 -3.99
CA LYS B 103 -33.88 -12.21 -3.85
C LYS B 103 -35.15 -11.91 -3.07
N THR B 124 -28.81 -22.49 6.05
CA THR B 124 -27.40 -22.24 5.77
C THR B 124 -26.89 -21.05 6.57
N LEU B 125 -27.77 -20.09 6.83
CA LEU B 125 -27.44 -18.94 7.67
C LEU B 125 -27.97 -19.15 9.08
N THR B 126 -28.69 -20.24 9.27
CA THR B 126 -29.31 -20.54 10.56
C THR B 126 -28.28 -20.74 11.65
N GLY B 127 -28.44 -20.01 12.75
CA GLY B 127 -27.54 -20.11 13.88
C GLY B 127 -26.15 -19.58 13.60
N LYS B 128 -26.05 -18.67 12.64
CA LYS B 128 -24.77 -18.10 12.25
C LYS B 128 -24.68 -16.63 12.64
N ASN B 129 -23.44 -16.16 12.87
CA ASN B 129 -23.20 -14.74 13.11
C ASN B 129 -22.95 -14.04 11.77
N VAL B 130 -24.00 -13.45 11.22
CA VAL B 130 -23.94 -12.91 9.87
C VAL B 130 -23.57 -11.43 9.84
N LEU B 131 -22.58 -11.09 9.02
CA LEU B 131 -22.20 -9.70 8.81
C LEU B 131 -22.55 -9.25 7.40
N ILE B 132 -23.55 -8.38 7.29
CA ILE B 132 -23.95 -7.84 5.99
C ILE B 132 -23.15 -6.58 5.66
N VAL B 133 -22.48 -6.59 4.51
CA VAL B 133 -21.63 -5.47 4.11
C VAL B 133 -22.26 -4.70 2.94
N GLU B 134 -22.53 -3.43 3.16
CA GLU B 134 -23.12 -2.56 2.14
C GLU B 134 -22.23 -1.35 1.92
N ASP B 135 -22.28 -0.78 0.72
CA ASP B 135 -21.48 0.39 0.42
C ASP B 135 -22.21 1.69 0.74
N ILE B 136 -23.51 1.73 0.48
CA ILE B 136 -24.28 2.93 0.73
C ILE B 136 -25.73 2.63 1.11
N ILE B 137 -26.21 3.35 2.13
CA ILE B 137 -27.61 3.27 2.53
C ILE B 137 -28.28 4.62 2.32
N ASP B 138 -29.25 4.66 1.40
CA ASP B 138 -29.94 5.89 1.08
C ASP B 138 -31.28 5.97 1.82
N THR B 139 -32.32 5.40 1.23
CA THR B 139 -33.63 5.37 1.86
C THR B 139 -33.67 4.35 2.99
N GLY B 140 -32.91 3.26 2.83
CA GLY B 140 -32.88 2.21 3.82
C GLY B 140 -33.82 1.08 3.47
N LYS B 141 -34.43 1.17 2.29
CA LYS B 141 -35.40 0.17 1.85
C LYS B 141 -34.72 -1.16 1.51
N THR B 142 -33.53 -1.08 0.92
CA THR B 142 -32.79 -2.27 0.51
C THR B 142 -32.43 -3.13 1.72
N MET B 143 -31.94 -2.50 2.77
CA MET B 143 -31.48 -3.22 3.95
C MET B 143 -32.64 -3.76 4.78
N GLN B 144 -33.70 -2.97 4.90
CA GLN B 144 -34.90 -3.41 5.62
C GLN B 144 -35.49 -4.66 4.97
N THR B 145 -35.51 -4.66 3.63
CA THR B 145 -36.01 -5.81 2.89
C THR B 145 -35.09 -7.01 3.05
N LEU B 146 -33.78 -6.76 2.94
CA LEU B 146 -32.78 -7.81 3.07
C LEU B 146 -32.79 -8.43 4.45
N LEU B 147 -32.86 -7.59 5.48
CA LEU B 147 -32.86 -8.05 6.86
C LEU B 147 -34.10 -8.88 7.17
N SER B 148 -35.22 -8.53 6.56
CA SER B 148 -36.46 -9.28 6.73
C SER B 148 -36.32 -10.67 6.14
N LEU B 149 -35.63 -10.76 5.00
CA LEU B 149 -35.44 -12.04 4.31
C LEU B 149 -34.46 -12.95 5.05
N VAL B 150 -33.37 -12.37 5.53
CA VAL B 150 -32.32 -13.14 6.20
C VAL B 150 -32.80 -13.70 7.53
N ARG B 151 -33.59 -12.91 8.26
CA ARG B 151 -34.01 -13.29 9.60
C ARG B 151 -35.01 -14.44 9.64
N GLN B 152 -35.57 -14.79 8.49
CA GLN B 152 -36.51 -15.91 8.43
C GLN B 152 -35.77 -17.25 8.37
N TYR B 153 -34.49 -17.20 8.01
CA TYR B 153 -33.64 -18.38 8.08
C TYR B 153 -33.20 -18.61 9.52
N ASN B 154 -33.65 -17.71 10.40
CA ASN B 154 -33.33 -17.75 11.83
C ASN B 154 -31.85 -17.91 12.14
N PRO B 155 -31.06 -16.86 11.85
CA PRO B 155 -29.64 -16.86 12.22
C PRO B 155 -29.46 -16.47 13.68
N LYS B 156 -28.25 -16.64 14.20
CA LYS B 156 -27.97 -16.30 15.58
C LYS B 156 -27.90 -14.79 15.76
N MET B 157 -27.29 -14.11 14.79
CA MET B 157 -27.11 -12.66 14.84
C MET B 157 -26.93 -12.07 13.45
N VAL B 158 -27.61 -10.95 13.19
CA VAL B 158 -27.42 -10.22 11.95
C VAL B 158 -27.02 -8.77 12.24
N LYS B 159 -25.90 -8.34 11.66
CA LYS B 159 -25.48 -6.96 11.78
C LYS B 159 -25.07 -6.43 10.40
N VAL B 160 -25.34 -5.14 10.19
CA VAL B 160 -25.07 -4.52 8.90
C VAL B 160 -24.00 -3.44 9.00
N ALA B 161 -22.96 -3.57 8.18
CA ALA B 161 -21.91 -2.57 8.11
C ALA B 161 -21.97 -1.82 6.79
N SER B 162 -22.27 -0.53 6.85
CA SER B 162 -22.35 0.27 5.64
C SER B 162 -21.28 1.35 5.62
N LEU B 163 -20.60 1.49 4.48
CA LEU B 163 -19.56 2.49 4.32
C LEU B 163 -20.17 3.89 4.35
N LEU B 164 -21.28 4.07 3.65
CA LEU B 164 -21.91 5.38 3.54
C LEU B 164 -23.36 5.36 4.00
N VAL B 165 -23.75 6.41 4.72
CA VAL B 165 -25.13 6.63 5.10
C VAL B 165 -25.53 8.06 4.78
N LYS B 166 -26.61 8.23 4.04
CA LYS B 166 -27.07 9.55 3.64
C LYS B 166 -27.99 10.20 4.65
N ARG B 167 -27.75 11.46 4.95
CA ARG B 167 -28.73 12.29 5.65
C ARG B 167 -29.79 12.71 4.66
N THR B 168 -30.85 11.92 4.55
CA THR B 168 -31.89 12.19 3.57
C THR B 168 -33.29 12.14 4.19
N PRO B 169 -34.18 13.05 3.76
CA PRO B 169 -35.57 13.07 4.19
C PRO B 169 -36.33 11.84 3.68
N ARG B 170 -35.74 11.16 2.71
CA ARG B 170 -36.36 9.98 2.10
C ARG B 170 -36.00 8.71 2.86
N SER B 171 -35.32 8.87 3.99
CA SER B 171 -34.93 7.73 4.81
C SER B 171 -36.13 7.18 5.58
N VAL B 172 -36.25 5.84 5.61
CA VAL B 172 -37.34 5.19 6.32
C VAL B 172 -37.05 5.11 7.81
N GLY B 173 -35.82 5.46 8.20
CA GLY B 173 -35.45 5.52 9.60
C GLY B 173 -34.48 4.44 10.03
N TYR B 174 -34.08 3.57 9.10
CA TYR B 174 -33.16 2.50 9.42
C TYR B 174 -31.73 3.02 9.65
N LYS B 175 -31.08 2.48 10.67
CA LYS B 175 -29.70 2.83 10.97
C LYS B 175 -28.86 1.57 11.13
N PRO B 176 -27.83 1.40 10.28
CA PRO B 176 -26.97 0.22 10.33
C PRO B 176 -26.16 0.15 11.62
N ASP B 177 -25.68 -1.04 11.95
CA ASP B 177 -24.91 -1.24 13.17
C ASP B 177 -23.54 -0.59 13.09
N PHE B 178 -22.97 -0.57 11.89
CA PHE B 178 -21.65 0.01 11.67
C PHE B 178 -21.67 1.01 10.53
N VAL B 179 -21.29 2.25 10.82
CA VAL B 179 -21.31 3.31 9.82
C VAL B 179 -19.90 3.87 9.57
N GLY B 180 -19.52 3.94 8.31
CA GLY B 180 -18.25 4.53 7.94
C GLY B 180 -18.33 6.05 7.89
N PHE B 181 -19.21 6.55 7.03
CA PHE B 181 -19.36 7.99 6.86
C PHE B 181 -20.83 8.39 6.73
N GLU B 182 -21.22 9.47 7.41
CA GLU B 182 -22.54 10.07 7.22
C GLU B 182 -22.42 11.25 6.27
N ILE B 183 -22.90 11.08 5.06
CA ILE B 183 -22.73 12.07 4.00
C ILE B 183 -24.02 12.84 3.72
N PRO B 184 -23.91 14.06 3.16
CA PRO B 184 -25.08 14.84 2.77
C PRO B 184 -25.92 14.18 1.68
N ASP B 185 -27.05 14.79 1.34
CA ASP B 185 -27.95 14.23 0.34
C ASP B 185 -27.49 14.58 -1.07
N LYS B 186 -26.39 13.98 -1.49
CA LYS B 186 -25.86 14.18 -2.84
C LYS B 186 -25.54 12.85 -3.50
N PHE B 187 -25.75 12.77 -4.82
CA PHE B 187 -25.43 11.56 -5.56
C PHE B 187 -23.92 11.44 -5.73
N VAL B 188 -23.31 10.51 -5.01
CA VAL B 188 -21.85 10.35 -5.02
C VAL B 188 -21.39 9.20 -5.90
N VAL B 189 -20.17 9.30 -6.40
CA VAL B 189 -19.58 8.24 -7.21
C VAL B 189 -18.13 7.99 -6.79
N GLY B 190 -17.58 6.84 -7.19
CA GLY B 190 -16.20 6.53 -6.91
C GLY B 190 -16.01 5.43 -5.88
N TYR B 191 -14.76 4.98 -5.74
CA TYR B 191 -14.40 3.89 -4.83
C TYR B 191 -15.17 2.61 -5.11
N ALA B 192 -16.38 2.52 -4.59
CA ALA B 192 -17.20 1.32 -4.78
C ALA B 192 -18.48 1.64 -5.55
N LEU B 193 -18.75 2.93 -5.74
CA LEU B 193 -19.95 3.37 -6.43
C LEU B 193 -19.67 3.75 -7.88
N ASP B 194 -20.46 3.19 -8.79
CA ASP B 194 -20.31 3.49 -10.20
C ASP B 194 -21.56 4.17 -10.75
N TYR B 195 -21.46 4.67 -11.98
CA TYR B 195 -22.60 5.28 -12.66
C TYR B 195 -22.63 4.81 -14.11
N ASN B 196 -23.53 3.87 -14.40
CA ASN B 196 -23.61 3.24 -15.72
C ASN B 196 -22.26 2.63 -16.09
N GLU B 197 -21.69 1.91 -15.13
CA GLU B 197 -20.39 1.25 -15.28
C GLU B 197 -19.22 2.22 -15.46
N TYR B 198 -19.45 3.50 -15.14
CA TYR B 198 -18.38 4.49 -15.18
C TYR B 198 -17.88 4.81 -13.77
N PHE B 199 -16.80 5.59 -13.70
CA PHE B 199 -16.20 6.04 -12.45
C PHE B 199 -15.64 4.91 -11.58
N ARG B 200 -15.43 3.73 -12.16
CA ARG B 200 -14.85 2.63 -11.41
C ARG B 200 -13.38 2.90 -11.10
N ASP B 201 -12.71 3.62 -11.99
CA ASP B 201 -11.31 3.97 -11.77
C ASP B 201 -11.16 5.13 -10.79
N LEU B 202 -12.28 5.78 -10.48
CA LEU B 202 -12.28 6.85 -9.48
C LEU B 202 -12.21 6.26 -8.08
N ASN B 203 -11.13 6.54 -7.36
CA ASN B 203 -10.89 5.94 -6.06
C ASN B 203 -11.52 6.72 -4.90
N HIS B 204 -11.80 7.99 -5.13
CA HIS B 204 -12.39 8.83 -4.09
C HIS B 204 -13.91 8.85 -4.21
N VAL B 205 -14.59 9.00 -3.07
CA VAL B 205 -16.02 9.24 -3.07
C VAL B 205 -16.28 10.71 -3.39
N ALA B 206 -16.88 10.96 -4.54
CA ALA B 206 -17.06 12.33 -5.02
C ALA B 206 -18.47 12.56 -5.57
N VAL B 207 -18.93 13.79 -5.46
CA VAL B 207 -20.24 14.16 -5.99
C VAL B 207 -20.19 14.30 -7.51
N ILE B 208 -21.09 13.61 -8.19
CA ILE B 208 -21.16 13.69 -9.65
C ILE B 208 -21.81 15.02 -10.05
N SER B 209 -21.40 15.55 -11.20
CA SER B 209 -21.96 16.79 -11.69
C SER B 209 -23.04 16.51 -12.72
N GLU B 210 -23.85 17.52 -13.04
CA GLU B 210 -24.89 17.38 -14.04
C GLU B 210 -24.27 17.13 -15.41
N THR B 211 -23.04 17.63 -15.60
CA THR B 211 -22.30 17.41 -16.83
C THR B 211 -22.01 15.92 -17.02
N GLY B 212 -21.36 15.32 -16.04
CA GLY B 212 -20.98 13.92 -16.11
C GLY B 212 -22.16 12.97 -16.05
N LYS B 213 -23.20 13.37 -15.32
CA LYS B 213 -24.39 12.53 -15.18
C LYS B 213 -25.15 12.45 -16.50
N ALA B 214 -25.16 13.55 -17.25
CA ALA B 214 -25.80 13.59 -18.56
C ALA B 214 -24.89 13.00 -19.62
N LYS B 215 -23.59 13.02 -19.34
CA LYS B 215 -22.59 12.52 -20.27
C LYS B 215 -22.55 10.99 -20.27
N TYR B 216 -22.78 10.40 -19.10
CA TYR B 216 -22.67 8.96 -18.94
C TYR B 216 -24.03 8.29 -18.70
N LYS B 217 -25.09 9.01 -19.02
CA LYS B 217 -26.45 8.46 -18.88
C LYS B 217 -26.68 7.33 -19.86
N ALA B 218 -27.46 6.33 -19.45
CA ALA B 218 -27.76 5.19 -20.30
C ALA B 218 -29.05 5.41 -21.08
N SER C 5 -2.21 28.21 -4.40
CA SER C 5 -3.14 27.52 -3.51
C SER C 5 -2.58 27.41 -2.10
N PRO C 6 -3.42 27.64 -1.08
CA PRO C 6 -3.02 27.53 0.32
C PRO C 6 -3.03 26.08 0.82
N GLY C 7 -3.38 25.15 -0.06
CA GLY C 7 -3.45 23.75 0.30
C GLY C 7 -4.76 23.42 0.99
N VAL C 8 -4.88 22.18 1.46
CA VAL C 8 -6.08 21.76 2.18
C VAL C 8 -6.16 22.50 3.52
N VAL C 9 -7.11 23.42 3.63
CA VAL C 9 -7.24 24.24 4.82
C VAL C 9 -8.09 23.58 5.88
N ILE C 10 -7.53 23.43 7.08
CA ILE C 10 -8.27 22.95 8.23
C ILE C 10 -8.58 24.12 9.16
N SER C 11 -9.84 24.51 9.23
CA SER C 11 -10.25 25.68 9.99
C SER C 11 -10.11 25.47 11.50
N ASP C 12 -10.22 26.56 12.25
CA ASP C 12 -10.18 26.50 13.71
C ASP C 12 -11.57 26.24 14.26
N ASP C 13 -12.47 25.77 13.40
CA ASP C 13 -13.91 25.92 13.67
C ASP C 13 -14.73 24.63 13.69
N GLY C 16 -11.66 18.92 14.01
CA GLY C 16 -10.92 17.74 13.64
C GLY C 16 -11.73 16.48 13.79
N TYR C 17 -11.05 15.34 13.94
CA TYR C 17 -11.73 14.05 14.08
C TYR C 17 -11.60 13.47 15.49
N ASP C 18 -12.70 12.90 15.99
CA ASP C 18 -12.68 12.23 17.29
C ASP C 18 -11.77 11.00 17.23
N LEU C 19 -11.11 10.70 18.34
CA LEU C 19 -10.16 9.60 18.40
C LEU C 19 -10.85 8.24 18.26
N ASP C 20 -12.14 8.21 18.52
CA ASP C 20 -12.91 6.96 18.53
C ASP C 20 -13.34 6.53 17.13
N LEU C 21 -12.94 7.30 16.12
CA LEU C 21 -13.36 7.02 14.75
C LEU C 21 -12.23 6.41 13.91
N PHE C 22 -11.02 6.41 14.44
CA PHE C 22 -9.88 5.93 13.67
C PHE C 22 -8.95 5.02 14.46
N ALA C 23 -8.05 4.35 13.74
CA ALA C 23 -7.08 3.45 14.34
C ALA C 23 -6.02 4.22 15.11
N ILE C 24 -5.96 4.00 16.42
CA ILE C 24 -4.99 4.67 17.28
C ILE C 24 -4.39 3.70 18.28
N PRO C 25 -3.05 3.67 18.36
CA PRO C 25 -2.32 2.81 19.32
C PRO C 25 -2.79 3.03 20.75
N ASN C 26 -2.85 1.95 21.52
CA ASN C 26 -3.37 2.00 22.88
C ASN C 26 -2.48 2.83 23.81
N HIS C 27 -1.18 2.84 23.55
CA HIS C 27 -0.24 3.54 24.40
C HIS C 27 -0.19 5.05 24.12
N TYR C 28 -1.04 5.51 23.20
CA TYR C 28 -1.16 6.92 22.89
C TYR C 28 -2.58 7.42 23.15
N ALA C 29 -3.39 6.58 23.77
CA ALA C 29 -4.81 6.86 23.96
C ALA C 29 -5.08 8.18 24.69
N GLU C 30 -4.42 8.36 25.83
CA GLU C 30 -4.63 9.55 26.64
C GLU C 30 -3.63 10.65 26.28
N ASP C 31 -2.74 10.35 25.35
CA ASP C 31 -1.68 11.29 24.97
C ASP C 31 -2.09 12.20 23.82
N LEU C 32 -3.31 12.03 23.33
CA LEU C 32 -3.81 12.82 22.21
C LEU C 32 -5.16 13.45 22.51
N GLU C 33 -5.41 14.62 21.92
CA GLU C 33 -6.69 15.30 22.06
C GLU C 33 -7.61 14.98 20.88
N ARG C 34 -7.10 15.19 19.68
CA ARG C 34 -7.91 15.10 18.48
C ARG C 34 -7.05 14.81 17.25
N VAL C 35 -7.59 14.00 16.33
CA VAL C 35 -6.89 13.70 15.08
C VAL C 35 -7.28 14.71 14.01
N PHE C 36 -6.30 15.46 13.53
CA PHE C 36 -6.54 16.43 12.47
C PHE C 36 -6.49 15.78 11.10
N ILE C 37 -5.41 15.07 10.81
CA ILE C 37 -5.22 14.46 9.50
C ILE C 37 -4.84 12.98 9.61
N PRO C 38 -5.77 12.09 9.22
CA PRO C 38 -5.48 10.65 9.15
C PRO C 38 -4.39 10.34 8.14
N HIS C 39 -3.71 9.20 8.30
CA HIS C 39 -2.58 8.83 7.46
C HIS C 39 -2.94 8.78 5.99
N GLY C 40 -4.07 8.15 5.68
CA GLY C 40 -4.51 8.00 4.30
C GLY C 40 -4.82 9.31 3.61
N LEU C 41 -5.36 10.26 4.36
CA LEU C 41 -5.66 11.58 3.83
C LEU C 41 -4.37 12.30 3.46
N ILE C 42 -3.33 12.08 4.26
CA ILE C 42 -2.01 12.64 3.98
C ILE C 42 -1.45 12.10 2.68
N MET C 43 -1.56 10.79 2.49
CA MET C 43 -1.04 10.13 1.29
C MET C 43 -1.75 10.61 0.03
N ASP C 44 -3.06 10.76 0.11
CA ASP C 44 -3.85 11.26 -1.02
C ASP C 44 -3.43 12.67 -1.40
N ARG C 45 -3.14 13.48 -0.39
CA ARG C 45 -2.72 14.87 -0.60
C ARG C 45 -1.27 14.91 -1.08
N THR C 46 -0.42 14.11 -0.46
CA THR C 46 0.99 14.03 -0.84
C THR C 46 1.15 13.59 -2.29
N GLU C 47 0.25 12.71 -2.72
CA GLU C 47 0.24 12.22 -4.10
C GLU C 47 0.01 13.36 -5.09
N ARG C 48 -0.93 14.25 -4.75
CA ARG C 48 -1.25 15.40 -5.60
C ARG C 48 -0.09 16.39 -5.62
N LEU C 49 0.54 16.58 -4.46
CA LEU C 49 1.68 17.49 -4.35
C LEU C 49 2.82 17.06 -5.27
N ALA C 50 3.11 15.77 -5.29
CA ALA C 50 4.16 15.22 -6.14
C ALA C 50 3.86 15.50 -7.60
N ARG C 51 2.58 15.51 -7.95
CA ARG C 51 2.19 15.79 -9.31
C ARG C 51 2.35 17.27 -9.64
N ASP C 52 2.04 18.11 -8.67
CA ASP C 52 2.23 19.55 -8.81
C ASP C 52 3.72 19.86 -8.98
N VAL C 53 4.54 19.17 -8.20
CA VAL C 53 5.99 19.33 -8.26
C VAL C 53 6.53 18.93 -9.64
N MET C 54 6.12 17.76 -10.13
CA MET C 54 6.60 17.26 -11.41
C MET C 54 6.11 18.09 -12.58
N LYS C 55 4.93 18.67 -12.45
CA LYS C 55 4.40 19.57 -13.48
C LYS C 55 5.24 20.84 -13.56
N GLU C 56 5.49 21.44 -12.40
CA GLU C 56 6.11 22.76 -12.32
C GLU C 56 7.63 22.71 -12.44
N MET C 57 8.27 21.82 -11.69
CA MET C 57 9.72 21.77 -11.64
C MET C 57 10.27 20.42 -12.05
N GLY C 58 9.38 19.46 -12.30
CA GLY C 58 9.78 18.15 -12.73
C GLY C 58 10.25 18.14 -14.17
N GLY C 59 10.10 17.00 -14.83
CA GLY C 59 10.64 16.84 -16.16
C GLY C 59 12.09 16.45 -16.05
N HIS C 60 12.98 17.44 -16.09
CA HIS C 60 14.41 17.16 -16.04
C HIS C 60 14.91 16.93 -14.62
N HIS C 61 16.21 17.12 -14.43
CA HIS C 61 16.88 16.81 -13.17
C HIS C 61 16.51 17.74 -12.03
N ILE C 62 16.12 17.17 -10.90
CA ILE C 62 15.85 17.94 -9.69
C ILE C 62 16.73 17.46 -8.54
N VAL C 63 16.95 18.34 -7.56
CA VAL C 63 17.67 17.97 -6.35
C VAL C 63 16.73 18.01 -5.16
N ALA C 64 16.44 16.85 -4.60
CA ALA C 64 15.54 16.75 -3.45
C ALA C 64 16.32 16.82 -2.15
N LEU C 65 16.16 17.93 -1.43
CA LEU C 65 16.83 18.13 -0.15
C LEU C 65 15.87 17.96 1.02
N CYS C 66 16.18 17.03 1.91
CA CYS C 66 15.40 16.84 3.12
C CYS C 66 16.08 17.55 4.29
N VAL C 67 15.30 18.34 5.02
CA VAL C 67 15.84 19.11 6.13
C VAL C 67 15.87 18.27 7.41
N LEU C 68 17.03 18.24 8.06
CA LEU C 68 17.20 17.51 9.31
C LEU C 68 17.18 18.49 10.50
N LYS C 69 16.63 18.05 11.63
CA LYS C 69 16.10 16.70 11.80
C LYS C 69 14.58 16.67 11.76
N GLY C 70 14.04 15.47 11.53
CA GLY C 70 12.60 15.28 11.51
C GLY C 70 11.99 15.50 10.14
N GLY C 71 10.93 14.75 9.84
CA GLY C 71 10.21 14.92 8.59
C GLY C 71 10.74 14.06 7.46
N TYR C 72 11.51 13.04 7.80
CA TYR C 72 12.05 12.12 6.80
C TYR C 72 10.95 11.29 6.18
N LYS C 73 9.90 11.02 6.96
CA LYS C 73 8.78 10.21 6.50
C LYS C 73 8.08 10.87 5.32
N PHE C 74 7.81 12.17 5.43
CA PHE C 74 7.16 12.92 4.37
C PHE C 74 8.04 12.99 3.13
N PHE C 75 9.34 13.11 3.36
CA PHE C 75 10.32 13.14 2.27
C PHE C 75 10.34 11.82 1.52
N ALA C 76 10.22 10.72 2.26
CA ALA C 76 10.23 9.39 1.67
C ALA C 76 8.96 9.12 0.86
N ASP C 77 7.81 9.48 1.43
CA ASP C 77 6.53 9.23 0.78
C ASP C 77 6.34 10.10 -0.47
N LEU C 78 6.73 11.37 -0.37
CA LEU C 78 6.64 12.29 -1.49
C LEU C 78 7.47 11.80 -2.67
N LEU C 79 8.68 11.31 -2.35
CA LEU C 79 9.58 10.80 -3.37
C LEU C 79 9.05 9.53 -4.00
N ASP C 80 8.37 8.70 -3.22
CA ASP C 80 7.77 7.47 -3.73
C ASP C 80 6.72 7.78 -4.77
N TYR C 81 5.94 8.82 -4.54
CA TYR C 81 4.94 9.25 -5.51
C TYR C 81 5.60 9.89 -6.72
N ILE C 82 6.66 10.64 -6.48
CA ILE C 82 7.44 11.24 -7.55
C ILE C 82 8.05 10.16 -8.45
N LYS C 83 8.66 9.16 -7.82
CA LYS C 83 9.26 8.05 -8.55
C LYS C 83 8.20 7.22 -9.27
N ALA C 84 6.99 7.21 -8.73
CA ALA C 84 5.87 6.52 -9.37
C ALA C 84 5.48 7.25 -10.64
N LEU C 85 5.62 8.57 -10.64
CA LEU C 85 5.31 9.40 -11.79
C LEU C 85 6.33 9.20 -12.91
N ASN C 86 7.61 9.23 -12.53
CA ASN C 86 8.69 9.02 -13.48
C ASN C 86 8.64 7.61 -14.07
N ARG C 87 8.08 6.68 -13.31
CA ARG C 87 7.99 5.28 -13.71
C ARG C 87 7.10 5.12 -14.95
N ASN C 88 6.10 5.98 -15.06
CA ASN C 88 5.20 5.97 -16.22
C ASN C 88 5.31 7.28 -16.99
N SER C 89 6.52 7.62 -17.42
CA SER C 89 6.75 8.88 -18.13
C SER C 89 7.43 8.65 -19.47
N ASP C 90 7.85 7.41 -19.72
CA ASP C 90 8.54 7.03 -20.95
C ASP C 90 9.78 7.89 -21.18
N ARG C 91 10.47 8.23 -20.10
CA ARG C 91 11.68 9.05 -20.17
C ARG C 91 12.54 8.83 -18.94
N SER C 92 13.83 8.55 -19.15
CA SER C 92 14.75 8.31 -18.05
C SER C 92 15.08 9.60 -17.32
N ILE C 93 14.46 9.80 -16.16
CA ILE C 93 14.65 11.03 -15.40
C ILE C 93 15.59 10.82 -14.22
N PRO C 94 16.75 11.51 -14.26
CA PRO C 94 17.70 11.47 -13.14
C PRO C 94 17.25 12.36 -11.99
N MET C 95 17.66 12.01 -10.77
CA MET C 95 17.26 12.78 -9.59
C MET C 95 18.26 12.62 -8.45
N THR C 96 18.62 13.74 -7.83
CA THR C 96 19.51 13.72 -6.68
C THR C 96 18.71 13.76 -5.39
N VAL C 97 18.96 12.79 -4.51
CA VAL C 97 18.36 12.81 -3.19
C VAL C 97 19.45 13.07 -2.15
N ASP C 98 19.19 14.02 -1.25
CA ASP C 98 20.20 14.43 -0.29
C ASP C 98 19.58 14.99 0.98
N PHE C 99 20.40 15.11 2.02
CA PHE C 99 19.95 15.62 3.31
C PHE C 99 20.84 16.77 3.76
N ILE C 100 20.28 17.68 4.54
CA ILE C 100 21.05 18.82 5.04
C ILE C 100 20.56 19.25 6.41
N ARG C 101 21.49 19.68 7.27
CA ARG C 101 21.16 20.15 8.60
C ARG C 101 21.78 21.53 8.84
N LEU C 102 20.99 22.44 9.38
CA LEU C 102 21.46 23.80 9.64
C LEU C 102 22.17 23.89 10.99
N SER C 123 26.84 23.63 -3.60
CA SER C 123 27.76 23.47 -4.73
C SER C 123 27.19 22.53 -5.77
N THR C 124 26.65 21.41 -5.31
CA THR C 124 25.98 20.44 -6.19
C THR C 124 24.67 21.02 -6.69
N LEU C 125 24.19 22.05 -5.99
CA LEU C 125 22.89 22.64 -6.25
C LEU C 125 22.93 23.64 -7.41
N THR C 126 24.11 24.14 -7.73
CA THR C 126 24.28 25.17 -8.74
C THR C 126 23.79 24.73 -10.12
N GLY C 127 22.84 25.48 -10.67
CA GLY C 127 22.31 25.23 -11.99
C GLY C 127 21.29 24.10 -12.02
N LYS C 128 20.81 23.71 -10.85
CA LYS C 128 19.86 22.61 -10.74
C LYS C 128 18.53 23.08 -10.16
N ASN C 129 17.48 22.28 -10.37
CA ASN C 129 16.18 22.54 -9.78
C ASN C 129 16.12 21.99 -8.36
N VAL C 130 16.30 22.86 -7.38
CA VAL C 130 16.35 22.43 -5.99
C VAL C 130 14.97 22.40 -5.35
N LEU C 131 14.61 21.24 -4.81
CA LEU C 131 13.35 21.09 -4.08
C LEU C 131 13.61 20.84 -2.61
N ILE C 132 13.22 21.80 -1.77
CA ILE C 132 13.34 21.65 -0.33
C ILE C 132 12.06 21.04 0.23
N VAL C 133 12.18 19.91 0.91
CA VAL C 133 11.02 19.20 1.44
C VAL C 133 10.95 19.30 2.96
N GLU C 134 9.94 20.03 3.44
CA GLU C 134 9.76 20.23 4.87
C GLU C 134 8.50 19.51 5.35
N ASP C 135 8.51 19.07 6.60
CA ASP C 135 7.35 18.41 7.18
C ASP C 135 6.36 19.43 7.74
N ILE C 136 6.87 20.42 8.46
CA ILE C 136 6.01 21.46 9.02
C ILE C 136 6.71 22.82 9.04
N ILE C 137 5.95 23.86 8.73
CA ILE C 137 6.45 25.23 8.81
C ILE C 137 5.64 26.00 9.84
N ASP C 138 6.32 26.49 10.88
CA ASP C 138 5.65 27.17 11.97
C ASP C 138 5.90 28.67 11.91
N THR C 139 7.04 29.11 12.42
CA THR C 139 7.41 30.52 12.39
C THR C 139 7.92 30.92 11.01
N GLY C 140 8.57 29.97 10.33
CA GLY C 140 9.12 30.22 9.02
C GLY C 140 10.58 30.65 9.08
N LYS C 141 11.12 30.68 10.29
CA LYS C 141 12.51 31.09 10.51
C LYS C 141 13.49 30.08 9.94
N THR C 142 13.11 28.81 9.97
CA THR C 142 13.96 27.74 9.45
C THR C 142 14.13 27.85 7.94
N MET C 143 13.05 28.15 7.24
CA MET C 143 13.07 28.17 5.79
C MET C 143 13.71 29.42 5.20
N GLN C 144 13.37 30.58 5.73
CA GLN C 144 13.94 31.84 5.26
C GLN C 144 15.46 31.84 5.41
N THR C 145 15.94 31.21 6.47
CA THR C 145 17.37 31.05 6.67
C THR C 145 17.94 30.05 5.68
N LEU C 146 17.22 28.95 5.48
CA LEU C 146 17.66 27.89 4.57
C LEU C 146 17.65 28.35 3.12
N LEU C 147 16.62 29.11 2.74
CA LEU C 147 16.48 29.60 1.38
C LEU C 147 17.59 30.57 1.00
N SER C 148 17.97 31.42 1.95
CA SER C 148 19.01 32.42 1.70
C SER C 148 20.35 31.77 1.41
N LEU C 149 20.67 30.71 2.15
CA LEU C 149 21.94 30.00 1.97
C LEU C 149 21.99 29.26 0.64
N VAL C 150 20.91 28.56 0.32
CA VAL C 150 20.83 27.77 -0.91
C VAL C 150 20.92 28.66 -2.15
N ARG C 151 20.22 29.80 -2.12
CA ARG C 151 20.19 30.70 -3.27
C ARG C 151 21.54 31.37 -3.53
N GLN C 152 22.44 31.31 -2.55
CA GLN C 152 23.78 31.87 -2.70
C GLN C 152 24.60 31.09 -3.73
N TYR C 153 24.31 29.80 -3.85
CA TYR C 153 25.04 28.92 -4.76
C TYR C 153 24.45 28.96 -6.16
N ASN C 154 23.60 29.96 -6.40
CA ASN C 154 22.94 30.18 -7.69
C ASN C 154 22.38 28.93 -8.38
N PRO C 155 21.44 28.24 -7.73
CA PRO C 155 20.77 27.16 -8.46
C PRO C 155 19.79 27.76 -9.47
N LYS C 156 19.33 26.98 -10.43
CA LYS C 156 18.44 27.51 -11.45
C LYS C 156 17.12 27.96 -10.82
N MET C 157 16.68 27.25 -9.79
CA MET C 157 15.55 27.67 -8.98
C MET C 157 15.44 26.88 -7.67
N VAL C 158 14.88 27.53 -6.66
CA VAL C 158 14.64 26.89 -5.36
C VAL C 158 13.17 26.96 -5.00
N LYS C 159 12.54 25.79 -4.85
CA LYS C 159 11.14 25.76 -4.46
C LYS C 159 10.94 24.84 -3.27
N VAL C 160 9.92 25.13 -2.46
CA VAL C 160 9.75 24.47 -1.17
C VAL C 160 8.41 23.77 -1.05
N ALA C 161 8.47 22.49 -0.68
CA ALA C 161 7.27 21.70 -0.43
C ALA C 161 7.15 21.37 1.05
N SER C 162 6.11 21.90 1.69
CA SER C 162 5.87 21.63 3.10
C SER C 162 4.55 20.90 3.29
N LEU C 163 4.60 19.79 4.03
CA LEU C 163 3.40 19.00 4.30
C LEU C 163 2.39 19.82 5.12
N LEU C 164 2.88 20.44 6.19
CA LEU C 164 2.02 21.22 7.07
C LEU C 164 2.48 22.67 7.18
N VAL C 165 1.56 23.60 6.96
CA VAL C 165 1.83 25.00 7.23
C VAL C 165 0.98 25.45 8.42
N LYS C 166 1.65 25.77 9.52
CA LYS C 166 0.97 26.16 10.74
C LYS C 166 0.44 27.58 10.63
N ARG C 167 -0.88 27.72 10.66
CA ARG C 167 -1.52 29.03 10.61
C ARG C 167 -1.39 29.73 11.95
N THR C 168 -0.38 30.58 12.08
CA THR C 168 -0.07 31.23 13.34
C THR C 168 0.44 32.65 13.14
N PRO C 169 0.09 33.56 14.05
CA PRO C 169 0.57 34.95 14.00
C PRO C 169 2.06 35.06 14.33
N ARG C 170 2.66 33.96 14.76
CA ARG C 170 4.09 33.92 15.03
C ARG C 170 4.89 33.75 13.74
N SER C 171 4.17 33.54 12.64
CA SER C 171 4.80 33.35 11.34
C SER C 171 5.44 34.64 10.84
N VAL C 172 6.55 34.50 10.12
CA VAL C 172 7.24 35.65 9.55
C VAL C 172 6.57 36.10 8.26
N GLY C 173 5.63 35.29 7.78
CA GLY C 173 4.87 35.62 6.59
C GLY C 173 5.30 34.84 5.35
N TYR C 174 6.14 33.83 5.56
CA TYR C 174 6.63 33.03 4.44
C TYR C 174 5.61 31.98 4.00
N LYS C 175 5.49 31.81 2.70
CA LYS C 175 4.59 30.80 2.12
C LYS C 175 5.35 29.88 1.18
N PRO C 176 5.23 28.56 1.40
CA PRO C 176 5.88 27.56 0.54
C PRO C 176 5.29 27.54 -0.86
N ASP C 177 6.04 27.01 -1.82
CA ASP C 177 5.53 26.85 -3.17
C ASP C 177 4.47 25.76 -3.21
N PHE C 178 4.64 24.75 -2.38
CA PHE C 178 3.71 23.63 -2.32
C PHE C 178 3.27 23.35 -0.88
N VAL C 179 1.96 23.37 -0.64
CA VAL C 179 1.43 23.17 0.70
C VAL C 179 0.43 22.02 0.74
N GLY C 180 0.68 21.06 1.64
CA GLY C 180 -0.23 19.96 1.84
C GLY C 180 -1.45 20.35 2.66
N PHE C 181 -1.21 20.77 3.89
CA PHE C 181 -2.29 21.16 4.80
C PHE C 181 -1.97 22.43 5.57
N GLU C 182 -2.95 23.34 5.63
CA GLU C 182 -2.85 24.51 6.49
C GLU C 182 -3.63 24.25 7.78
N ILE C 183 -2.91 23.96 8.84
CA ILE C 183 -3.51 23.53 10.10
C ILE C 183 -3.63 24.67 11.11
N PRO C 184 -4.56 24.54 12.07
CA PRO C 184 -4.67 25.50 13.18
C PRO C 184 -3.39 25.57 14.01
N ASP C 185 -3.29 26.59 14.87
CA ASP C 185 -2.12 26.77 15.71
C ASP C 185 -2.17 25.86 16.93
N LYS C 186 -2.03 24.57 16.70
CA LYS C 186 -1.98 23.59 17.78
C LYS C 186 -0.78 22.66 17.59
N PHE C 187 -0.15 22.26 18.69
CA PHE C 187 1.00 21.38 18.61
C PHE C 187 0.58 19.97 18.19
N VAL C 188 0.90 19.62 16.94
CA VAL C 188 0.50 18.34 16.40
C VAL C 188 1.65 17.34 16.37
N VAL C 189 1.33 16.06 16.50
CA VAL C 189 2.31 14.98 16.41
C VAL C 189 1.80 13.87 15.52
N GLY C 190 2.70 13.04 15.02
CA GLY C 190 2.32 11.91 14.20
C GLY C 190 2.86 11.97 12.78
N TYR C 191 2.70 10.86 12.06
CA TYR C 191 3.20 10.70 10.70
C TYR C 191 4.70 10.99 10.61
N ALA C 192 5.07 12.26 10.46
CA ALA C 192 6.46 12.65 10.34
C ALA C 192 6.89 13.56 11.48
N LEU C 193 5.95 13.84 12.37
CA LEU C 193 6.23 14.73 13.50
C LEU C 193 6.31 13.96 14.82
N ASP C 194 7.51 13.89 15.39
CA ASP C 194 7.72 13.20 16.65
C ASP C 194 7.76 14.18 17.81
N TYR C 195 7.82 13.64 19.03
CA TYR C 195 7.93 14.45 20.23
C TYR C 195 8.84 13.75 21.23
N ASN C 196 10.07 14.25 21.36
CA ASN C 196 11.11 13.61 22.15
C ASN C 196 11.31 12.17 21.68
N GLU C 197 11.32 12.00 20.36
CA GLU C 197 11.51 10.70 19.70
C GLU C 197 10.35 9.73 19.94
N TYR C 198 9.26 10.23 20.51
CA TYR C 198 8.05 9.43 20.65
C TYR C 198 7.09 9.74 19.49
N PHE C 199 5.97 9.03 19.45
CA PHE C 199 4.95 9.20 18.42
C PHE C 199 5.43 8.89 17.00
N ARG C 200 6.57 8.21 16.86
CA ARG C 200 7.08 7.85 15.54
C ARG C 200 6.22 6.77 14.91
N ASP C 201 5.57 5.96 15.75
CA ASP C 201 4.71 4.89 15.27
C ASP C 201 3.30 5.39 15.01
N LEU C 202 3.03 6.64 15.38
CA LEU C 202 1.72 7.24 15.13
C LEU C 202 1.62 7.73 13.69
N ASN C 203 0.76 7.09 12.91
CA ASN C 203 0.63 7.40 11.49
C ASN C 203 -0.24 8.61 11.20
N HIS C 204 -1.12 8.94 12.14
CA HIS C 204 -2.02 10.07 11.97
C HIS C 204 -1.43 11.34 12.59
N VAL C 205 -1.67 12.48 11.94
CA VAL C 205 -1.31 13.76 12.52
C VAL C 205 -2.37 14.16 13.53
N ALA C 206 -2.01 14.11 14.82
CA ALA C 206 -2.97 14.38 15.88
C ALA C 206 -2.46 15.44 16.86
N VAL C 207 -3.40 16.06 17.57
CA VAL C 207 -3.05 17.06 18.57
C VAL C 207 -2.67 16.39 19.88
N ILE C 208 -1.47 16.70 20.36
CA ILE C 208 -0.97 16.11 21.61
C ILE C 208 -1.77 16.66 22.80
N SER C 209 -1.94 15.84 23.82
CA SER C 209 -2.63 16.27 25.03
C SER C 209 -1.62 16.70 26.08
N GLU C 210 -2.10 17.12 27.25
CA GLU C 210 -1.23 17.54 28.33
C GLU C 210 -0.64 16.33 29.05
N THR C 211 -1.36 15.22 29.03
CA THR C 211 -0.87 13.99 29.63
C THR C 211 0.32 13.46 28.85
N GLY C 212 0.24 13.54 27.52
CA GLY C 212 1.31 13.09 26.66
C GLY C 212 2.49 14.03 26.62
N LYS C 213 2.23 15.32 26.81
CA LYS C 213 3.28 16.32 26.78
C LYS C 213 4.12 16.29 28.06
N ALA C 214 3.57 15.67 29.09
CA ALA C 214 4.26 15.53 30.36
C ALA C 214 4.86 14.13 30.52
N LYS C 215 4.18 13.14 29.97
CA LYS C 215 4.65 11.76 30.02
C LYS C 215 5.94 11.59 29.22
N TYR C 216 6.03 12.31 28.10
CA TYR C 216 7.19 12.23 27.23
C TYR C 216 8.01 13.50 27.31
N LYS C 217 8.14 14.03 28.53
CA LYS C 217 8.88 15.27 28.76
C LYS C 217 10.39 15.04 28.62
N PRO D 6 4.00 -19.23 -20.35
CA PRO D 6 3.38 -20.03 -19.30
C PRO D 6 3.33 -19.30 -17.96
N GLY D 7 3.83 -18.07 -17.94
CA GLY D 7 3.89 -17.28 -16.73
C GLY D 7 5.14 -17.57 -15.92
N VAL D 8 5.16 -17.12 -14.67
CA VAL D 8 6.29 -17.38 -13.79
C VAL D 8 6.29 -18.84 -13.36
N VAL D 9 7.25 -19.60 -13.86
CA VAL D 9 7.31 -21.03 -13.60
C VAL D 9 8.04 -21.34 -12.29
N ILE D 10 7.40 -22.13 -11.44
CA ILE D 10 8.03 -22.62 -10.23
C ILE D 10 8.23 -24.13 -10.35
N SER D 11 9.44 -24.54 -10.71
CA SER D 11 9.73 -25.94 -11.00
C SER D 11 9.69 -26.83 -9.77
N ASP D 12 9.81 -28.13 -9.99
CA ASP D 12 9.71 -29.12 -8.91
C ASP D 12 10.99 -29.18 -8.07
N ASP D 13 12.13 -28.92 -8.69
CA ASP D 13 13.41 -29.08 -8.01
C ASP D 13 13.73 -27.92 -7.07
N GLU D 14 13.18 -26.74 -7.35
CA GLU D 14 13.38 -25.60 -6.45
C GLU D 14 12.43 -25.69 -5.27
N PRO D 15 12.99 -25.62 -4.05
CA PRO D 15 12.25 -25.87 -2.81
C PRO D 15 11.23 -24.78 -2.47
N GLY D 16 11.44 -23.58 -3.00
CA GLY D 16 10.57 -22.46 -2.69
C GLY D 16 11.21 -21.56 -1.65
N TYR D 17 10.43 -21.16 -0.65
CA TYR D 17 10.96 -20.32 0.42
C TYR D 17 10.73 -20.93 1.78
N ASP D 18 11.82 -21.04 2.54
CA ASP D 18 11.83 -21.49 3.91
C ASP D 18 10.97 -20.57 4.78
N LEU D 19 10.13 -21.15 5.62
CA LEU D 19 9.19 -20.38 6.45
C LEU D 19 9.90 -19.39 7.37
N ASP D 20 11.17 -19.66 7.66
CA ASP D 20 11.94 -18.82 8.56
C ASP D 20 12.28 -17.47 7.93
N LEU D 21 12.04 -17.32 6.63
CA LEU D 21 12.50 -16.16 5.88
C LEU D 21 11.43 -15.09 5.63
N PHE D 22 10.20 -15.36 6.04
CA PHE D 22 9.11 -14.40 5.81
C PHE D 22 8.14 -14.31 6.99
N ALA D 23 7.28 -13.30 6.95
CA ALA D 23 6.30 -13.08 8.01
C ALA D 23 5.13 -14.04 7.87
N ILE D 24 4.96 -14.90 8.86
CA ILE D 24 3.91 -15.91 8.85
C ILE D 24 3.15 -15.92 10.17
N PRO D 25 1.81 -15.96 10.10
CA PRO D 25 0.98 -16.07 11.31
C PRO D 25 1.41 -17.24 12.19
N ASN D 26 1.64 -16.96 13.47
CA ASN D 26 2.19 -17.94 14.39
C ASN D 26 1.29 -19.17 14.55
N HIS D 27 -0.01 -19.00 14.34
CA HIS D 27 -0.96 -20.09 14.49
C HIS D 27 -0.95 -21.02 13.27
N TYR D 28 -0.26 -20.60 12.21
CA TYR D 28 -0.13 -21.42 11.00
C TYR D 28 1.27 -22.01 10.87
N ALA D 29 2.03 -21.96 11.95
CA ALA D 29 3.44 -22.34 11.93
C ALA D 29 3.68 -23.79 11.52
N GLU D 30 2.96 -24.71 12.16
CA GLU D 30 3.13 -26.13 11.90
C GLU D 30 2.21 -26.63 10.79
N ASP D 31 1.44 -25.71 10.20
CA ASP D 31 0.44 -26.07 9.20
C ASP D 31 0.94 -25.86 7.78
N LEU D 32 2.15 -25.34 7.66
CA LEU D 32 2.73 -25.05 6.35
C LEU D 32 4.10 -25.71 6.21
N GLU D 33 4.46 -26.07 4.98
CA GLU D 33 5.76 -26.65 4.70
C GLU D 33 6.72 -25.62 4.13
N ARG D 34 6.35 -25.07 2.98
CA ARG D 34 7.17 -24.07 2.30
C ARG D 34 6.31 -22.90 1.82
N VAL D 35 6.93 -21.74 1.68
CA VAL D 35 6.27 -20.61 1.04
C VAL D 35 6.67 -20.58 -0.43
N PHE D 36 5.71 -20.83 -1.31
CA PHE D 36 5.98 -20.81 -2.73
C PHE D 36 6.02 -19.38 -3.26
N ILE D 37 4.95 -18.64 -3.02
CA ILE D 37 4.83 -17.28 -3.53
C ILE D 37 4.43 -16.28 -2.44
N PRO D 38 5.38 -15.43 -2.01
CA PRO D 38 5.08 -14.36 -1.06
C PRO D 38 4.04 -13.38 -1.62
N HIS D 39 3.32 -12.71 -0.72
CA HIS D 39 2.24 -11.80 -1.10
C HIS D 39 2.70 -10.73 -2.08
N GLY D 40 3.89 -10.18 -1.84
CA GLY D 40 4.42 -9.13 -2.69
C GLY D 40 4.76 -9.62 -4.09
N LEU D 41 5.24 -10.86 -4.19
CA LEU D 41 5.52 -11.47 -5.48
C LEU D 41 4.25 -11.59 -6.30
N ILE D 42 3.15 -11.94 -5.63
CA ILE D 42 1.86 -12.10 -6.27
C ILE D 42 1.36 -10.78 -6.86
N MET D 43 1.46 -9.70 -6.07
CA MET D 43 1.01 -8.39 -6.50
C MET D 43 1.80 -7.89 -7.71
N ASP D 44 3.11 -8.12 -7.69
CA ASP D 44 3.98 -7.70 -8.79
C ASP D 44 3.61 -8.41 -10.09
N ARG D 45 3.38 -9.71 -10.00
CA ARG D 45 3.00 -10.50 -11.17
C ARG D 45 1.59 -10.11 -11.63
N THR D 46 0.71 -9.86 -10.67
CA THR D 46 -0.67 -9.47 -10.97
C THR D 46 -0.71 -8.13 -11.69
N GLU D 47 0.20 -7.23 -11.32
CA GLU D 47 0.28 -5.92 -11.96
C GLU D 47 0.59 -6.06 -13.45
N ARG D 48 1.51 -6.95 -13.78
CA ARG D 48 1.88 -7.19 -15.17
C ARG D 48 0.74 -7.86 -15.93
N LEU D 49 0.04 -8.77 -15.26
CA LEU D 49 -1.10 -9.46 -15.85
C LEU D 49 -2.18 -8.47 -16.28
N ALA D 50 -2.34 -7.41 -15.51
CA ALA D 50 -3.29 -6.36 -15.84
C ALA D 50 -2.89 -5.66 -17.13
N ARG D 51 -1.59 -5.47 -17.32
CA ARG D 51 -1.05 -4.85 -18.53
C ARG D 51 -1.26 -5.77 -19.73
N ASP D 52 -1.17 -7.08 -19.48
CA ASP D 52 -1.37 -8.07 -20.54
C ASP D 52 -2.84 -8.14 -20.95
N VAL D 53 -3.73 -7.88 -19.99
CA VAL D 53 -5.16 -7.86 -20.27
C VAL D 53 -5.52 -6.66 -21.14
N MET D 54 -4.96 -5.49 -20.81
CA MET D 54 -5.21 -4.28 -21.58
C MET D 54 -4.57 -4.35 -22.97
N LYS D 55 -3.65 -5.29 -23.14
CA LYS D 55 -2.97 -5.47 -24.42
C LYS D 55 -3.88 -6.17 -25.43
N GLU D 56 -4.43 -7.31 -25.03
CA GLU D 56 -5.26 -8.12 -25.91
C GLU D 56 -6.73 -7.72 -25.82
N MET D 57 -7.14 -7.26 -24.64
CA MET D 57 -8.51 -6.82 -24.42
C MET D 57 -8.52 -5.32 -24.16
N GLY D 58 -9.70 -4.76 -23.90
CA GLY D 58 -9.81 -3.33 -23.65
C GLY D 58 -10.14 -2.57 -24.91
N GLY D 59 -10.05 -3.24 -26.06
CA GLY D 59 -10.47 -2.66 -27.32
C GLY D 59 -11.98 -2.56 -27.37
N HIS D 60 -12.64 -3.36 -26.54
CA HIS D 60 -14.08 -3.32 -26.38
C HIS D 60 -14.44 -3.29 -24.90
N HIS D 61 -15.72 -3.10 -24.61
CA HIS D 61 -16.20 -3.07 -23.23
C HIS D 61 -15.89 -4.39 -22.51
N ILE D 62 -15.18 -4.29 -21.39
CA ILE D 62 -14.74 -5.48 -20.67
C ILE D 62 -15.68 -5.88 -19.55
N VAL D 63 -16.09 -7.15 -19.56
CA VAL D 63 -16.87 -7.70 -18.46
C VAL D 63 -15.99 -8.62 -17.61
N ALA D 64 -15.70 -8.19 -16.39
CA ALA D 64 -14.87 -8.98 -15.49
C ALA D 64 -15.71 -9.97 -14.70
N LEU D 65 -15.48 -11.26 -14.92
CA LEU D 65 -16.23 -12.30 -14.26
C LEU D 65 -15.42 -13.03 -13.19
N CYS D 66 -15.89 -12.95 -11.95
CA CYS D 66 -15.28 -13.70 -10.87
C CYS D 66 -16.10 -14.95 -10.57
N VAL D 67 -15.42 -16.06 -10.30
CA VAL D 67 -16.11 -17.32 -10.05
C VAL D 67 -16.06 -17.69 -8.57
N LEU D 68 -17.23 -17.95 -7.99
CA LEU D 68 -17.35 -18.32 -6.59
C LEU D 68 -17.33 -19.84 -6.42
N LYS D 69 -16.78 -20.31 -5.31
CA LYS D 69 -16.22 -19.45 -4.26
C LYS D 69 -14.70 -19.45 -4.29
N GLY D 70 -14.11 -18.48 -3.60
CA GLY D 70 -12.66 -18.33 -3.54
C GLY D 70 -12.16 -17.41 -4.64
N GLY D 71 -10.89 -17.04 -4.54
CA GLY D 71 -10.26 -16.23 -5.57
C GLY D 71 -10.81 -14.82 -5.74
N TYR D 72 -11.65 -14.40 -4.80
CA TYR D 72 -12.20 -13.06 -4.85
C TYR D 72 -11.11 -12.04 -4.54
N LYS D 73 -10.13 -12.47 -3.74
CA LYS D 73 -8.99 -11.62 -3.38
C LYS D 73 -8.16 -11.29 -4.62
N PHE D 74 -7.93 -12.28 -5.47
CA PHE D 74 -7.16 -12.07 -6.69
C PHE D 74 -7.96 -11.24 -7.69
N PHE D 75 -9.26 -11.49 -7.75
CA PHE D 75 -10.15 -10.72 -8.61
C PHE D 75 -10.15 -9.24 -8.20
N ALA D 76 -10.11 -9.01 -6.89
CA ALA D 76 -10.08 -7.65 -6.36
C ALA D 76 -8.77 -6.95 -6.69
N ASP D 77 -7.66 -7.65 -6.46
CA ASP D 77 -6.33 -7.07 -6.71
C ASP D 77 -6.08 -6.84 -8.20
N LEU D 78 -6.50 -7.78 -9.03
CA LEU D 78 -6.31 -7.67 -10.48
C LEU D 78 -7.06 -6.47 -11.04
N LEU D 79 -8.29 -6.28 -10.58
CA LEU D 79 -9.11 -5.17 -11.04
C LEU D 79 -8.55 -3.83 -10.58
N ASP D 80 -7.94 -3.81 -9.40
CA ASP D 80 -7.32 -2.59 -8.89
C ASP D 80 -6.20 -2.10 -9.80
N TYR D 81 -5.39 -3.04 -10.29
CA TYR D 81 -4.33 -2.69 -11.22
C TYR D 81 -4.89 -2.29 -12.58
N ILE D 82 -5.97 -2.97 -12.98
CA ILE D 82 -6.65 -2.67 -14.24
C ILE D 82 -7.25 -1.26 -14.19
N LYS D 83 -7.94 -0.96 -13.10
CA LYS D 83 -8.55 0.35 -12.91
C LYS D 83 -7.48 1.43 -12.79
N ALA D 84 -6.30 1.06 -12.31
CA ALA D 84 -5.17 1.98 -12.21
C ALA D 84 -4.67 2.35 -13.60
N LEU D 85 -4.67 1.37 -14.50
CA LEU D 85 -4.26 1.60 -15.88
C LEU D 85 -5.26 2.50 -16.60
N ASN D 86 -6.54 2.36 -16.25
CA ASN D 86 -7.59 3.18 -16.84
C ASN D 86 -7.54 4.63 -16.34
N ARG D 87 -6.96 4.82 -15.16
CA ARG D 87 -6.83 6.16 -14.59
C ARG D 87 -5.87 7.03 -15.39
N ASN D 88 -4.79 6.42 -15.86
CA ASN D 88 -3.76 7.14 -16.61
C ASN D 88 -4.16 7.39 -18.05
N SER D 89 -5.30 6.84 -18.46
CA SER D 89 -5.83 7.08 -19.79
C SER D 89 -6.63 8.38 -19.80
N ASP D 90 -6.60 9.10 -20.93
CA ASP D 90 -7.35 10.33 -21.07
C ASP D 90 -8.76 10.03 -21.57
N ARG D 91 -9.16 8.77 -21.46
CA ARG D 91 -10.48 8.33 -21.87
C ARG D 91 -11.17 7.59 -20.72
N SER D 92 -12.38 8.01 -20.37
CA SER D 92 -13.13 7.35 -19.32
C SER D 92 -13.58 5.97 -19.78
N ILE D 93 -12.90 4.94 -19.28
CA ILE D 93 -13.19 3.57 -19.70
C ILE D 93 -14.29 2.93 -18.86
N PRO D 94 -15.44 2.64 -19.48
CA PRO D 94 -16.51 1.91 -18.77
C PRO D 94 -16.18 0.43 -18.67
N MET D 95 -16.44 -0.16 -17.50
CA MET D 95 -16.16 -1.57 -17.28
C MET D 95 -17.22 -2.20 -16.41
N THR D 96 -17.63 -3.42 -16.77
CA THR D 96 -18.66 -4.13 -16.02
C THR D 96 -18.06 -5.26 -15.19
N VAL D 97 -18.34 -5.23 -13.89
CA VAL D 97 -17.93 -6.31 -13.01
C VAL D 97 -19.13 -7.18 -12.69
N ASP D 98 -18.89 -8.47 -12.45
CA ASP D 98 -19.97 -9.40 -12.17
C ASP D 98 -19.45 -10.67 -11.52
N PHE D 99 -20.37 -11.45 -10.96
CA PHE D 99 -20.03 -12.69 -10.28
C PHE D 99 -20.92 -13.83 -10.75
N ILE D 100 -20.32 -15.00 -10.97
CA ILE D 100 -21.08 -16.16 -11.40
C ILE D 100 -20.89 -17.34 -10.46
N ARG D 101 -21.68 -18.39 -10.68
CA ARG D 101 -21.72 -19.56 -9.81
C ARG D 101 -20.35 -20.16 -9.54
N LEU D 122 -27.09 -13.45 -17.71
CA LEU D 122 -25.83 -13.46 -18.43
C LEU D 122 -25.98 -12.80 -19.81
N SER D 123 -27.06 -12.03 -19.97
CA SER D 123 -27.31 -11.31 -21.21
C SER D 123 -26.33 -10.15 -21.38
N THR D 124 -25.61 -9.83 -20.32
CA THR D 124 -24.69 -8.71 -20.29
C THR D 124 -23.44 -8.94 -21.12
N LEU D 125 -23.20 -10.19 -21.51
CA LEU D 125 -21.95 -10.59 -22.14
C LEU D 125 -21.94 -10.38 -23.66
N THR D 126 -23.11 -10.36 -24.27
CA THR D 126 -23.23 -10.28 -25.72
C THR D 126 -22.57 -9.04 -26.30
N GLY D 127 -21.51 -9.25 -27.08
CA GLY D 127 -20.82 -8.16 -27.74
C GLY D 127 -19.78 -7.49 -26.88
N LYS D 128 -19.33 -8.18 -25.84
CA LYS D 128 -18.37 -7.63 -24.90
C LYS D 128 -17.11 -8.49 -24.80
N ASN D 129 -16.02 -7.89 -24.34
CA ASN D 129 -14.81 -8.64 -24.03
C ASN D 129 -14.90 -9.23 -22.63
N VAL D 130 -15.05 -10.54 -22.55
CA VAL D 130 -15.27 -11.21 -21.27
C VAL D 130 -13.98 -11.77 -20.69
N LEU D 131 -13.63 -11.30 -19.50
CA LEU D 131 -12.44 -11.78 -18.80
C LEU D 131 -12.82 -12.63 -17.60
N ILE D 132 -12.64 -13.93 -17.71
CA ILE D 132 -12.95 -14.84 -16.62
C ILE D 132 -11.75 -14.97 -15.69
N VAL D 133 -11.91 -14.50 -14.46
CA VAL D 133 -10.82 -14.50 -13.49
C VAL D 133 -10.91 -15.69 -12.53
N GLU D 134 -9.87 -16.51 -12.54
CA GLU D 134 -9.79 -17.68 -11.67
C GLU D 134 -8.56 -17.57 -10.78
N ASP D 135 -8.60 -18.17 -9.60
CA ASP D 135 -7.46 -18.14 -8.69
C ASP D 135 -6.50 -19.29 -8.97
N ILE D 136 -7.05 -20.49 -9.17
CA ILE D 136 -6.23 -21.66 -9.43
C ILE D 136 -6.91 -22.61 -10.41
N ILE D 137 -6.10 -23.23 -11.26
CA ILE D 137 -6.59 -24.23 -12.19
C ILE D 137 -5.91 -25.57 -11.92
N ASP D 138 -6.71 -26.56 -11.57
CA ASP D 138 -6.20 -27.87 -11.18
C ASP D 138 -6.51 -28.92 -12.25
N THR D 139 -7.69 -29.50 -12.19
CA THR D 139 -8.12 -30.47 -13.19
C THR D 139 -8.48 -29.76 -14.49
N GLY D 140 -8.88 -28.49 -14.37
CA GLY D 140 -9.25 -27.70 -15.53
C GLY D 140 -10.70 -27.88 -15.92
N LYS D 141 -11.41 -28.73 -15.18
CA LYS D 141 -12.80 -29.05 -15.48
C LYS D 141 -13.73 -27.88 -15.21
N THR D 142 -13.33 -27.01 -14.28
CA THR D 142 -14.14 -25.85 -13.94
C THR D 142 -14.20 -24.86 -15.10
N MET D 143 -13.04 -24.61 -15.71
CA MET D 143 -12.95 -23.63 -16.79
C MET D 143 -13.59 -24.14 -18.09
N GLN D 144 -13.40 -25.42 -18.37
CA GLN D 144 -13.97 -26.02 -19.58
C GLN D 144 -15.49 -25.94 -19.56
N THR D 145 -16.08 -26.21 -18.40
CA THR D 145 -17.53 -26.14 -18.23
C THR D 145 -17.99 -24.68 -18.27
N LEU D 146 -17.13 -23.80 -17.77
CA LEU D 146 -17.46 -22.38 -17.67
C LEU D 146 -17.32 -21.69 -19.02
N LEU D 147 -16.25 -22.02 -19.75
CA LEU D 147 -16.02 -21.41 -21.05
C LEU D 147 -17.21 -21.68 -21.98
N SER D 148 -17.52 -22.95 -22.19
CA SER D 148 -18.59 -23.37 -23.11
C SER D 148 -19.90 -22.59 -22.92
N LEU D 149 -20.28 -22.38 -21.67
CA LEU D 149 -21.50 -21.65 -21.35
C LEU D 149 -21.38 -20.16 -21.67
N VAL D 150 -20.22 -19.58 -21.40
CA VAL D 150 -20.00 -18.15 -21.64
C VAL D 150 -20.04 -17.80 -23.14
N ARG D 151 -19.37 -18.60 -23.95
CA ARG D 151 -19.34 -18.37 -25.40
C ARG D 151 -20.67 -18.72 -26.07
N GLN D 152 -21.59 -19.33 -25.32
CA GLN D 152 -22.94 -19.56 -25.83
C GLN D 152 -23.71 -18.23 -25.98
N TYR D 153 -23.36 -17.26 -25.14
CA TYR D 153 -24.04 -15.96 -25.12
C TYR D 153 -23.46 -14.97 -26.13
N ASN D 154 -22.68 -15.49 -27.07
CA ASN D 154 -22.12 -14.70 -28.17
C ASN D 154 -21.29 -13.48 -27.74
N PRO D 155 -20.20 -13.70 -26.99
CA PRO D 155 -19.39 -12.52 -26.67
C PRO D 155 -18.47 -12.18 -27.84
N LYS D 156 -17.86 -11.00 -27.78
CA LYS D 156 -16.91 -10.59 -28.82
C LYS D 156 -15.56 -11.25 -28.57
N MET D 157 -15.32 -11.63 -27.32
CA MET D 157 -14.06 -12.24 -26.91
C MET D 157 -14.16 -12.86 -25.53
N VAL D 158 -13.67 -14.09 -25.39
CA VAL D 158 -13.62 -14.75 -24.09
C VAL D 158 -12.20 -15.19 -23.75
N LYS D 159 -11.66 -14.65 -22.66
CA LYS D 159 -10.33 -15.04 -22.22
C LYS D 159 -10.31 -15.28 -20.71
N VAL D 160 -9.33 -16.08 -20.26
CA VAL D 160 -9.26 -16.48 -18.86
C VAL D 160 -7.95 -16.07 -18.21
N ALA D 161 -8.07 -15.39 -17.06
CA ALA D 161 -6.91 -15.03 -16.26
C ALA D 161 -6.87 -15.87 -14.98
N SER D 162 -5.87 -16.72 -14.86
CA SER D 162 -5.70 -17.56 -13.69
C SER D 162 -4.40 -17.24 -12.96
N LEU D 163 -4.51 -16.96 -11.67
CA LEU D 163 -3.33 -16.64 -10.86
C LEU D 163 -2.38 -17.83 -10.79
N LEU D 164 -2.94 -19.02 -10.55
CA LEU D 164 -2.13 -20.21 -10.40
C LEU D 164 -2.55 -21.32 -11.37
N VAL D 165 -1.57 -21.92 -12.02
CA VAL D 165 -1.81 -23.11 -12.81
C VAL D 165 -1.09 -24.29 -12.18
N LYS D 166 -1.86 -25.29 -11.77
CA LYS D 166 -1.31 -26.45 -11.08
C LYS D 166 -0.81 -27.48 -12.08
N ARG D 167 0.47 -27.84 -11.97
CA ARG D 167 1.09 -28.81 -12.86
C ARG D 167 0.70 -30.23 -12.47
N THR D 168 -0.53 -30.61 -12.82
CA THR D 168 -1.10 -31.87 -12.36
C THR D 168 -1.37 -32.86 -13.49
N GLY D 173 -5.95 -30.82 -20.25
CA GLY D 173 -5.19 -30.24 -21.34
C GLY D 173 -5.62 -28.82 -21.67
N TYR D 174 -5.93 -28.04 -20.64
CA TYR D 174 -6.36 -26.66 -20.84
C TYR D 174 -5.29 -25.65 -20.39
N LYS D 175 -5.02 -24.69 -21.25
CA LYS D 175 -4.07 -23.62 -20.93
C LYS D 175 -4.75 -22.26 -20.99
N PRO D 176 -4.66 -21.50 -19.88
CA PRO D 176 -5.27 -20.17 -19.77
C PRO D 176 -4.61 -19.15 -20.70
N ASP D 177 -5.27 -18.02 -20.91
CA ASP D 177 -4.71 -16.95 -21.72
C ASP D 177 -3.71 -16.15 -20.90
N PHE D 178 -4.02 -15.95 -19.63
CA PHE D 178 -3.15 -15.21 -18.73
C PHE D 178 -2.84 -16.03 -17.48
N VAL D 179 -1.55 -16.29 -17.26
CA VAL D 179 -1.13 -17.11 -16.13
C VAL D 179 -0.15 -16.36 -15.23
N GLY D 180 -0.49 -16.29 -13.95
CA GLY D 180 0.40 -15.67 -12.97
C GLY D 180 1.57 -16.57 -12.64
N PHE D 181 1.28 -17.74 -12.09
CA PHE D 181 2.33 -18.67 -11.68
C PHE D 181 1.98 -20.11 -12.08
N GLU D 182 2.99 -20.87 -12.45
CA GLU D 182 2.84 -22.30 -12.71
C GLU D 182 3.50 -23.08 -11.59
N ILE D 183 2.68 -23.65 -10.71
CA ILE D 183 3.19 -24.29 -9.49
C ILE D 183 3.09 -25.82 -9.55
N PRO D 184 3.95 -26.52 -8.79
CA PRO D 184 3.94 -27.99 -8.73
C PRO D 184 2.63 -28.56 -8.19
N ASP D 185 2.49 -29.88 -8.23
CA ASP D 185 1.30 -30.55 -7.73
C ASP D 185 1.33 -30.64 -6.21
N LYS D 186 1.04 -29.52 -5.55
CA LYS D 186 0.97 -29.46 -4.10
C LYS D 186 -0.25 -28.64 -3.68
N PHE D 187 -0.97 -29.11 -2.67
CA PHE D 187 -2.14 -28.39 -2.18
C PHE D 187 -1.69 -27.11 -1.47
N VAL D 188 -1.98 -25.97 -2.07
CA VAL D 188 -1.51 -24.70 -1.54
C VAL D 188 -2.64 -23.89 -0.88
N VAL D 189 -2.30 -23.11 0.12
CA VAL D 189 -3.26 -22.24 0.78
C VAL D 189 -2.67 -20.84 0.93
N GLY D 190 -3.49 -19.90 1.40
CA GLY D 190 -3.05 -18.52 1.55
C GLY D 190 -3.31 -17.71 0.31
N TYR D 191 -3.64 -16.43 0.51
CA TYR D 191 -4.04 -15.51 -0.56
C TYR D 191 -5.12 -16.08 -1.46
N ALA D 192 -6.37 -15.70 -1.20
CA ALA D 192 -7.55 -16.11 -1.97
C ALA D 192 -7.87 -17.60 -1.83
N LEU D 193 -6.85 -18.43 -1.66
CA LEU D 193 -7.06 -19.86 -1.48
C LEU D 193 -7.19 -20.23 0.00
N ASP D 194 -8.15 -21.10 0.29
CA ASP D 194 -8.43 -21.49 1.66
C ASP D 194 -8.62 -22.99 1.83
N TYR D 195 -8.69 -23.44 3.07
CA TYR D 195 -8.94 -24.84 3.38
C TYR D 195 -9.93 -24.93 4.53
N ASN D 196 -11.17 -25.30 4.21
CA ASN D 196 -12.27 -25.28 5.17
C ASN D 196 -12.40 -23.89 5.79
N GLU D 197 -12.29 -22.88 4.94
CA GLU D 197 -12.40 -21.47 5.33
C GLU D 197 -11.29 -21.02 6.28
N TYR D 198 -10.19 -21.76 6.30
CA TYR D 198 -9.00 -21.36 7.06
C TYR D 198 -7.96 -20.76 6.12
N PHE D 199 -6.91 -20.20 6.71
CA PHE D 199 -5.79 -19.60 5.97
C PHE D 199 -6.19 -18.41 5.11
N ARG D 200 -7.31 -17.77 5.44
CA ARG D 200 -7.72 -16.57 4.72
C ARG D 200 -6.85 -15.39 5.10
N ASP D 201 -6.30 -15.43 6.31
CA ASP D 201 -5.43 -14.37 6.81
C ASP D 201 -4.00 -14.56 6.31
N LEU D 202 -3.71 -15.74 5.77
CA LEU D 202 -2.39 -16.00 5.18
C LEU D 202 -2.28 -15.30 3.83
N ASN D 203 -1.35 -14.35 3.73
CA ASN D 203 -1.20 -13.54 2.53
C ASN D 203 -0.29 -14.18 1.49
N HIS D 204 0.52 -15.14 1.91
CA HIS D 204 1.42 -15.84 1.00
C HIS D 204 0.81 -17.15 0.53
N VAL D 205 1.06 -17.50 -0.73
CA VAL D 205 0.67 -18.81 -1.24
C VAL D 205 1.69 -19.85 -0.76
N ALA D 206 1.27 -20.70 0.17
CA ALA D 206 2.17 -21.66 0.78
C ALA D 206 1.62 -23.08 0.71
N VAL D 207 2.51 -24.06 0.73
CA VAL D 207 2.11 -25.47 0.72
C VAL D 207 1.63 -25.90 2.10
N ILE D 208 0.44 -26.49 2.15
CA ILE D 208 -0.10 -26.97 3.41
C ILE D 208 0.63 -28.25 3.83
N SER D 209 0.71 -28.49 5.13
CA SER D 209 1.36 -29.68 5.65
C SER D 209 0.31 -30.73 6.03
N GLU D 210 0.77 -31.95 6.29
CA GLU D 210 -0.14 -33.02 6.69
C GLU D 210 -0.77 -32.72 8.04
N THR D 211 -0.04 -32.00 8.88
CA THR D 211 -0.55 -31.56 10.17
C THR D 211 -1.73 -30.61 9.97
N GLY D 212 -1.52 -29.58 9.15
CA GLY D 212 -2.56 -28.61 8.85
C GLY D 212 -3.75 -29.22 8.13
N LYS D 213 -3.48 -30.22 7.29
CA LYS D 213 -4.53 -30.93 6.59
C LYS D 213 -5.46 -31.65 7.56
N ALA D 214 -4.86 -32.38 8.50
CA ALA D 214 -5.61 -33.11 9.51
C ALA D 214 -6.22 -32.16 10.54
N LYS D 215 -5.53 -31.05 10.79
CA LYS D 215 -5.94 -30.08 11.78
C LYS D 215 -7.28 -29.43 11.42
N TYR D 216 -7.36 -28.90 10.20
CA TYR D 216 -8.53 -28.14 9.77
C TYR D 216 -9.41 -28.90 8.80
N LYS D 217 -9.37 -30.23 8.87
CA LYS D 217 -10.23 -31.06 8.04
C LYS D 217 -11.69 -30.93 8.48
#